data_3GFF
#
_entry.id   3GFF
#
_cell.length_a   53.650
_cell.length_b   125.570
_cell.length_c   56.750
_cell.angle_alpha   90.000
_cell.angle_beta   117.940
_cell.angle_gamma   90.000
#
_symmetry.space_group_name_H-M   'P 1 21 1'
#
loop_
_entity.id
_entity.type
_entity.pdbx_description
1 polymer 'IroE-like serine hydrolase'
2 non-polymer 'CHLORIDE ION'
3 non-polymer IMIDAZOLE
4 water water
#
_entity_poly.entity_id   1
_entity_poly.type   'polypeptide(L)'
_entity_poly.pdbx_seq_one_letter_code
;G(MSE)TSTSITAVEYQSKRLESRLLKETREYVIALPEGYAQSLEAYPVVYLLDGEDQFDH(MSE)ASLLQFLSQGT
(MSE)PQIPKVIIVGIHNTNR(MSE)RDYTPTHTLVLPSGNKGNPQYQHTGGAGRFLDFIEKELAPSIESQLRTNGINVL
VGHSFGGLVA(MSE)EALRTDRPLFSAYLALDTSLWFDSPHYLTLLEERVVKGDFKQKQLF(MSE)AIANNPLSPGFGVS
SYHKDLNLAFADKLTKLAPKGLGF(MSE)AKYYPEETHQSVSHIGLYDGIRHLFKDFAIDIYSDSFSKQQVIDQYGVLSE
RFGHKVTPSQQYLEQLIQYSDRQQLTERKQ(MSE)LEGLRQHFAKD
;
_entity_poly.pdbx_strand_id   A,B
#
loop_
_chem_comp.id
_chem_comp.type
_chem_comp.name
_chem_comp.formula
CL non-polymer 'CHLORIDE ION' 'Cl -1'
IMD non-polymer IMIDAZOLE 'C3 H5 N2 1'
#
# COMPACT_ATOMS: atom_id res chain seq x y z
N GLU A 11 -0.61 10.51 12.26
CA GLU A 11 -0.52 11.64 13.26
C GLU A 11 -0.21 12.96 12.56
N TYR A 12 -1.27 13.66 12.24
CA TYR A 12 -1.15 14.85 11.47
C TYR A 12 -1.59 16.05 12.33
N GLN A 13 -1.44 17.21 11.73
CA GLN A 13 -1.78 18.48 12.32
C GLN A 13 -2.88 19.03 11.39
N SER A 14 -4.05 19.31 11.93
CA SER A 14 -5.13 19.88 11.13
C SER A 14 -4.98 21.40 11.05
N LYS A 15 -4.87 21.90 9.82
CA LYS A 15 -4.62 23.30 9.56
C LYS A 15 -5.69 24.04 8.76
N ARG A 16 -5.66 25.38 8.86
CA ARG A 16 -6.53 26.27 8.09
C ARG A 16 -5.80 27.51 7.60
N LEU A 17 -6.17 27.92 6.39
CA LEU A 17 -5.63 29.11 5.77
C LEU A 17 -6.77 29.88 5.09
N GLU A 18 -6.86 31.17 5.38
CA GLU A 18 -7.86 32.02 4.73
C GLU A 18 -7.28 32.36 3.36
N SER A 19 -7.87 31.83 2.28
CA SER A 19 -7.38 32.12 0.94
C SER A 19 -7.98 33.42 0.46
N ARG A 20 -7.14 34.44 0.33
CA ARG A 20 -7.54 35.72 -0.24
C ARG A 20 -7.85 35.56 -1.75
N LEU A 21 -7.03 34.75 -2.42
CA LEU A 21 -7.19 34.39 -3.84
C LEU A 21 -8.50 33.66 -4.14
N LEU A 22 -8.78 32.60 -3.37
CA LEU A 22 -9.98 31.81 -3.55
C LEU A 22 -11.21 32.39 -2.78
N LYS A 23 -10.98 33.40 -1.93
CA LYS A 23 -12.05 34.07 -1.18
C LYS A 23 -12.84 33.06 -0.30
N GLU A 24 -12.10 32.14 0.32
CA GLU A 24 -12.68 31.12 1.20
C GLU A 24 -11.63 30.61 2.17
N THR A 25 -12.11 29.88 3.16
CA THR A 25 -11.26 29.17 4.10
C THR A 25 -10.86 27.88 3.41
N ARG A 26 -9.57 27.57 3.48
CA ARG A 26 -9.04 26.35 2.94
C ARG A 26 -8.46 25.49 4.07
N GLU A 27 -8.84 24.22 4.11
CA GLU A 27 -8.32 23.27 5.09
C GLU A 27 -7.30 22.34 4.49
N TYR A 28 -6.37 21.94 5.35
CA TYR A 28 -5.32 21.02 4.97
C TYR A 28 -4.76 20.31 6.19
N VAL A 29 -4.06 19.20 5.93
CA VAL A 29 -3.44 18.38 6.97
C VAL A 29 -1.94 18.23 6.69
N ILE A 30 -1.15 18.21 7.74
CA ILE A 30 0.32 18.06 7.68
C ILE A 30 0.77 16.83 8.49
N ALA A 31 1.62 15.98 7.92
CA ALA A 31 2.23 14.85 8.63
C ALA A 31 3.72 15.19 8.60
N LEU A 32 4.34 15.24 9.78
CA LEU A 32 5.76 15.54 9.89
C LEU A 32 6.52 14.20 9.92
N PRO A 33 7.71 14.16 9.34
CA PRO A 33 8.43 12.90 9.37
C PRO A 33 8.87 12.56 10.78
N GLU A 34 9.08 11.28 11.03
CA GLU A 34 9.54 10.91 12.33
C GLU A 34 10.98 11.42 12.43
N GLY A 35 11.31 11.90 13.62
CA GLY A 35 12.57 12.54 13.93
C GLY A 35 12.55 14.03 13.64
N TYR A 36 11.46 14.56 13.06
CA TYR A 36 11.39 15.98 12.73
C TYR A 36 11.93 16.94 13.82
N ALA A 37 11.37 16.86 15.03
CA ALA A 37 11.77 17.71 16.14
C ALA A 37 13.20 17.52 16.65
N GLN A 38 13.88 16.48 16.19
CA GLN A 38 15.20 16.11 16.74
C GLN A 38 16.45 16.65 16.06
N SER A 39 16.31 17.46 15.01
CA SER A 39 17.46 18.07 14.37
C SER A 39 17.04 19.31 13.61
N LEU A 40 18.00 19.90 12.88
CA LEU A 40 17.79 21.02 12.01
C LEU A 40 17.63 20.59 10.57
N GLU A 41 17.39 19.29 10.35
CA GLU A 41 17.25 18.78 8.98
C GLU A 41 16.02 19.36 8.27
N ALA A 42 16.18 19.65 6.98
CA ALA A 42 15.13 20.21 6.13
C ALA A 42 14.71 19.05 5.24
N TYR A 43 13.40 18.91 5.01
CA TYR A 43 12.82 17.81 4.24
C TYR A 43 12.10 18.25 2.96
N PRO A 44 11.94 17.32 2.00
CA PRO A 44 11.09 17.63 0.86
C PRO A 44 9.65 17.67 1.30
N VAL A 45 8.79 18.22 0.45
CA VAL A 45 7.37 18.31 0.77
C VAL A 45 6.59 17.61 -0.32
N VAL A 46 5.77 16.65 0.09
CA VAL A 46 4.92 15.91 -0.85
C VAL A 46 3.50 16.43 -0.64
N TYR A 47 3.02 17.15 -1.63
CA TYR A 47 1.64 17.69 -1.60
C TYR A 47 0.67 16.70 -2.22
N LEU A 48 -0.32 16.24 -1.45
CA LEU A 48 -1.32 15.30 -1.95
C LEU A 48 -2.68 16.02 -2.16
N LEU A 49 -3.19 15.98 -3.39
CA LEU A 49 -4.51 16.49 -3.72
C LEU A 49 -5.57 15.48 -3.27
N ASP A 50 -6.84 15.90 -3.27
CA ASP A 50 -7.96 15.09 -2.78
C ASP A 50 -7.69 14.58 -1.40
N GLY A 51 -7.19 15.45 -0.54
CA GLY A 51 -6.79 15.07 0.81
C GLY A 51 -7.85 14.43 1.67
N GLU A 52 -9.12 14.84 1.51
CA GLU A 52 -10.26 14.33 2.31
C GLU A 52 -10.42 12.85 2.14
N ASP A 53 -10.14 12.37 0.94
CA ASP A 53 -10.29 10.96 0.56
C ASP A 53 -8.99 10.14 0.43
N GLN A 54 -7.89 10.76 -0.01
CA GLN A 54 -6.63 10.05 -0.29
C GLN A 54 -5.51 10.17 0.78
N PHE A 55 -5.60 11.15 1.68
CA PHE A 55 -4.50 11.42 2.62
C PHE A 55 -4.14 10.26 3.52
N ASP A 56 -5.15 9.70 4.19
CA ASP A 56 -4.95 8.58 5.12
C ASP A 56 -4.15 7.38 4.58
N HIS A 57 -4.53 6.78 3.44
CA HIS A 57 -3.80 5.62 2.93
C HIS A 57 -2.48 6.01 2.30
N MSE A 58 -2.42 7.19 1.69
CA MSE A 58 -1.18 7.69 1.06
C MSE A 58 -0.16 8.06 2.12
O MSE A 58 0.99 7.58 2.09
CB MSE A 58 -1.45 8.89 0.15
CG MSE A 58 -2.17 8.54 -1.15
SE MSE A 58 -2.23 10.01 -2.35
CE MSE A 58 -2.94 9.04 -3.90
N ALA A 59 -0.56 8.89 3.08
CA ALA A 59 0.33 9.24 4.19
C ALA A 59 0.84 7.98 4.98
N SER A 60 -0.02 6.98 5.26
CA SER A 60 0.47 5.77 5.96
C SER A 60 1.49 4.97 5.10
N LEU A 61 1.27 4.94 3.78
CA LEU A 61 2.18 4.26 2.89
C LEU A 61 3.51 5.03 2.89
N LEU A 62 3.44 6.35 2.68
CA LEU A 62 4.66 7.18 2.66
C LEU A 62 5.53 7.06 3.92
N GLN A 63 4.91 7.16 5.09
CA GLN A 63 5.61 6.99 6.35
C GLN A 63 6.13 5.56 6.48
N PHE A 64 5.37 4.56 6.02
CA PHE A 64 5.82 3.16 6.08
C PHE A 64 7.09 2.98 5.21
N LEU A 65 7.05 3.47 3.99
CA LEU A 65 8.19 3.34 3.08
C LEU A 65 9.49 4.02 3.55
N SER A 66 9.42 4.91 4.54
CA SER A 66 10.63 5.60 5.05
C SER A 66 10.96 5.34 6.51
N GLN A 67 10.42 4.28 7.09
CA GLN A 67 10.74 3.96 8.47
C GLN A 67 11.74 2.81 8.49
N GLY A 68 12.35 2.57 9.64
CA GLY A 68 13.30 1.46 9.78
C GLY A 68 14.76 1.79 9.46
N THR A 69 15.58 0.75 9.47
CA THR A 69 17.02 0.85 9.26
C THR A 69 17.43 0.82 7.79
N MSE A 70 16.50 0.39 6.91
CA MSE A 70 16.74 0.35 5.47
C MSE A 70 15.57 0.99 4.75
O MSE A 70 14.88 0.31 3.96
CB MSE A 70 16.89 -1.09 5.00
CG MSE A 70 17.86 -1.89 5.80
SE MSE A 70 17.75 -3.72 5.21
CE MSE A 70 18.35 -3.32 3.21
N PRO A 71 15.33 2.29 4.99
CA PRO A 71 14.18 2.97 4.44
C PRO A 71 14.22 2.97 2.90
N GLN A 72 13.06 2.80 2.28
CA GLN A 72 12.95 2.69 0.85
C GLN A 72 12.86 4.06 0.20
N ILE A 73 12.32 5.04 0.93
CA ILE A 73 12.31 6.39 0.42
C ILE A 73 12.81 7.25 1.58
N PRO A 74 13.23 8.49 1.30
CA PRO A 74 13.64 9.35 2.40
C PRO A 74 12.44 9.89 3.18
N LYS A 75 12.73 10.53 4.31
CA LYS A 75 11.70 11.17 5.12
C LYS A 75 11.14 12.40 4.39
N VAL A 76 9.84 12.63 4.44
CA VAL A 76 9.23 13.81 3.80
C VAL A 76 8.19 14.45 4.73
N ILE A 77 7.84 15.70 4.42
CA ILE A 77 6.75 16.44 5.03
C ILE A 77 5.58 16.17 4.07
N ILE A 78 4.47 15.64 4.60
CA ILE A 78 3.30 15.32 3.77
C ILE A 78 2.23 16.38 4.01
N VAL A 79 1.81 17.04 2.93
CA VAL A 79 0.74 18.02 2.98
C VAL A 79 -0.46 17.50 2.18
N GLY A 80 -1.59 17.26 2.85
CA GLY A 80 -2.85 16.85 2.21
C GLY A 80 -3.77 18.05 2.05
N ILE A 81 -4.20 18.34 0.83
CA ILE A 81 -5.05 19.51 0.58
C ILE A 81 -6.52 19.09 0.43
N HIS A 82 -7.39 19.63 1.26
CA HIS A 82 -8.79 19.25 1.13
C HIS A 82 -9.43 20.08 0.06
N ASN A 83 -10.49 19.53 -0.52
CA ASN A 83 -11.30 20.19 -1.49
C ASN A 83 -12.48 20.98 -0.90
N THR A 84 -12.90 21.98 -1.66
CA THR A 84 -14.14 22.68 -1.37
C THR A 84 -14.90 22.41 -2.70
N ASN A 85 -14.61 23.21 -3.73
CA ASN A 85 -15.20 22.99 -5.06
C ASN A 85 -14.16 22.30 -6.02
N ARG A 86 -14.21 20.99 -6.00
CA ARG A 86 -13.31 20.14 -6.79
C ARG A 86 -13.41 20.34 -8.32
N MSE A 87 -14.62 20.45 -8.85
CA MSE A 87 -14.74 20.64 -10.29
C MSE A 87 -14.19 22.01 -10.69
O MSE A 87 -13.75 22.19 -11.79
CB MSE A 87 -16.17 20.45 -10.79
CG MSE A 87 -16.62 18.96 -10.86
SE MSE A 87 -15.48 17.86 -12.03
CE MSE A 87 -15.90 18.86 -13.61
N ARG A 88 -14.20 22.96 -9.78
CA ARG A 88 -13.75 24.29 -10.08
C ARG A 88 -12.24 24.32 -10.07
N ASP A 89 -11.63 23.74 -9.03
CA ASP A 89 -10.20 23.83 -8.80
C ASP A 89 -9.34 22.83 -9.53
N TYR A 90 -9.89 21.70 -9.93
CA TYR A 90 -9.11 20.64 -10.54
C TYR A 90 -9.19 20.59 -12.04
N THR A 91 -9.97 21.51 -12.64
CA THR A 91 -10.15 21.57 -14.10
C THR A 91 -9.43 22.78 -14.70
N PRO A 92 -8.55 22.53 -15.69
CA PRO A 92 -7.78 23.61 -16.29
C PRO A 92 -8.54 24.43 -17.32
N THR A 93 -9.55 23.82 -17.93
CA THR A 93 -10.39 24.49 -18.91
C THR A 93 -11.86 24.34 -18.52
N HIS A 94 -12.66 25.25 -19.03
CA HIS A 94 -14.08 25.30 -18.81
C HIS A 94 -14.87 24.63 -19.94
N THR A 95 -15.79 23.76 -19.55
CA THR A 95 -16.76 23.14 -20.46
C THR A 95 -17.93 22.68 -19.60
N LEU A 96 -19.11 22.65 -20.21
CA LEU A 96 -20.34 22.19 -19.57
C LEU A 96 -20.69 20.77 -20.02
N VAL A 97 -19.86 20.14 -20.85
CA VAL A 97 -20.20 18.84 -21.41
C VAL A 97 -19.14 17.75 -21.20
N LEU A 98 -19.62 16.51 -21.26
CA LEU A 98 -18.78 15.31 -21.22
C LEU A 98 -18.25 15.13 -22.66
N PRO A 99 -17.25 14.25 -22.88
CA PRO A 99 -16.68 14.02 -24.22
C PRO A 99 -17.70 13.61 -25.27
N SER A 100 -18.80 13.02 -24.81
CA SER A 100 -19.91 12.59 -25.67
C SER A 100 -20.68 13.75 -26.23
N GLY A 101 -20.56 14.93 -25.62
CA GLY A 101 -21.35 16.11 -26.01
C GLY A 101 -22.55 16.34 -25.09
N ASN A 102 -22.86 15.36 -24.25
CA ASN A 102 -23.96 15.44 -23.30
C ASN A 102 -23.55 16.31 -22.10
N LYS A 103 -24.50 17.00 -21.50
CA LYS A 103 -24.19 17.90 -20.42
C LYS A 103 -23.65 17.17 -19.16
N GLY A 104 -22.65 17.77 -18.52
CA GLY A 104 -22.12 17.23 -17.27
C GLY A 104 -23.10 17.63 -16.19
N ASN A 105 -22.84 17.23 -14.94
CA ASN A 105 -23.71 17.63 -13.81
C ASN A 105 -23.60 19.14 -13.61
N PRO A 106 -24.54 19.75 -12.86
CA PRO A 106 -24.50 21.21 -12.72
C PRO A 106 -23.20 21.84 -12.21
N GLN A 107 -22.31 21.08 -11.58
CA GLN A 107 -21.06 21.64 -11.10
C GLN A 107 -19.98 21.83 -12.22
N TYR A 108 -20.35 21.46 -13.45
CA TYR A 108 -19.52 21.72 -14.63
C TYR A 108 -19.42 23.22 -14.94
N GLN A 109 -20.43 23.97 -14.49
CA GLN A 109 -20.49 25.42 -14.69
C GLN A 109 -19.31 26.11 -14.04
N HIS A 110 -18.69 25.50 -13.04
CA HIS A 110 -17.55 26.13 -12.36
C HIS A 110 -16.21 25.73 -12.89
N THR A 111 -16.19 24.84 -13.88
CA THR A 111 -14.92 24.36 -14.41
C THR A 111 -14.02 25.48 -14.95
N GLY A 112 -12.71 25.20 -14.86
CA GLY A 112 -11.66 26.04 -15.40
C GLY A 112 -10.81 26.79 -14.41
N GLY A 113 -10.90 26.43 -13.13
CA GLY A 113 -10.19 27.16 -12.09
C GLY A 113 -8.91 26.54 -11.60
N ALA A 114 -8.35 25.61 -12.37
CA ALA A 114 -7.12 24.96 -11.93
C ALA A 114 -5.97 25.97 -11.82
N GLY A 115 -5.99 27.01 -12.65
CA GLY A 115 -4.95 28.07 -12.65
C GLY A 115 -4.87 28.79 -11.34
N ARG A 116 -6.04 29.21 -10.88
CA ARG A 116 -6.18 29.92 -9.62
C ARG A 116 -5.92 29.05 -8.41
N PHE A 117 -6.32 27.80 -8.45
CA PHE A 117 -6.02 26.87 -7.36
C PHE A 117 -4.50 26.64 -7.26
N LEU A 118 -3.80 26.51 -8.40
CA LEU A 118 -2.35 26.42 -8.39
C LEU A 118 -1.75 27.73 -7.84
N ASP A 119 -2.34 28.86 -8.20
CA ASP A 119 -1.87 30.15 -7.66
C ASP A 119 -2.04 30.16 -6.15
N PHE A 120 -3.16 29.61 -5.68
CA PHE A 120 -3.40 29.43 -4.23
C PHE A 120 -2.26 28.67 -3.54
N ILE A 121 -1.80 27.61 -4.18
CA ILE A 121 -0.71 26.80 -3.64
C ILE A 121 0.59 27.62 -3.61
N GLU A 122 0.94 28.26 -4.71
CA GLU A 122 2.20 29.00 -4.78
C GLU A 122 2.25 30.29 -4.05
N LYS A 123 1.12 31.01 -4.05
CA LYS A 123 1.09 32.35 -3.49
C LYS A 123 0.67 32.36 -2.02
N GLU A 124 -0.09 31.34 -1.59
CA GLU A 124 -0.56 31.30 -0.20
C GLU A 124 -0.15 30.04 0.56
N LEU A 125 -0.58 28.87 0.11
CA LEU A 125 -0.28 27.65 0.87
C LEU A 125 1.24 27.33 1.03
N ALA A 126 1.99 27.19 -0.05
CA ALA A 126 3.40 26.82 0.10
C ALA A 126 4.21 27.85 0.96
N PRO A 127 4.10 29.14 0.68
CA PRO A 127 4.82 30.05 1.54
C PRO A 127 4.52 29.87 3.04
N SER A 128 3.27 29.55 3.37
CA SER A 128 2.83 29.39 4.76
C SER A 128 3.47 28.15 5.42
N ILE A 129 3.46 27.05 4.68
CA ILE A 129 4.10 25.78 5.06
C ILE A 129 5.58 26.02 5.24
N GLU A 130 6.18 26.69 4.27
CA GLU A 130 7.62 26.91 4.31
C GLU A 130 8.09 27.85 5.41
N SER A 131 7.22 28.75 5.86
CA SER A 131 7.56 29.66 6.93
C SER A 131 7.39 28.97 8.29
N GLN A 132 6.60 27.90 8.34
CA GLN A 132 6.35 27.13 9.55
C GLN A 132 7.27 25.89 9.69
N LEU A 133 7.59 25.26 8.57
CA LEU A 133 8.42 24.06 8.62
C LEU A 133 9.76 24.20 7.86
N ARG A 134 10.68 23.30 8.19
CA ARG A 134 11.99 23.24 7.55
C ARG A 134 11.90 22.39 6.29
N THR A 135 11.74 23.08 5.16
CA THR A 135 11.62 22.46 3.86
C THR A 135 12.91 22.65 3.08
N ASN A 136 13.24 21.69 2.23
CA ASN A 136 14.54 21.69 1.53
C ASN A 136 14.59 22.06 0.05
N GLY A 137 13.48 22.56 -0.50
CA GLY A 137 13.46 23.00 -1.89
C GLY A 137 12.96 21.97 -2.88
N ILE A 138 12.79 20.74 -2.44
CA ILE A 138 12.25 19.69 -3.28
C ILE A 138 10.76 19.52 -2.99
N ASN A 139 9.92 19.89 -3.96
CA ASN A 139 8.48 19.80 -3.80
C ASN A 139 7.88 18.88 -4.85
N VAL A 140 7.02 17.97 -4.40
CA VAL A 140 6.37 16.95 -5.23
C VAL A 140 4.86 17.12 -5.18
N LEU A 141 4.18 17.04 -6.32
CA LEU A 141 2.72 17.12 -6.38
C LEU A 141 2.21 15.76 -6.82
N VAL A 142 1.26 15.22 -6.03
CA VAL A 142 0.60 13.93 -6.31
C VAL A 142 -0.91 14.19 -6.60
N GLY A 143 -1.32 13.94 -7.84
CA GLY A 143 -2.69 14.15 -8.27
C GLY A 143 -3.24 12.86 -8.87
N HIS A 144 -4.44 12.50 -8.45
CA HIS A 144 -5.14 11.31 -8.92
C HIS A 144 -6.47 11.74 -9.54
N SER A 145 -6.85 11.09 -10.63
CA SER A 145 -8.12 11.36 -11.31
C SER A 145 -8.10 12.80 -11.76
N PHE A 146 -9.15 13.56 -11.46
CA PHE A 146 -9.14 14.99 -11.77
C PHE A 146 -7.93 15.72 -11.17
N GLY A 147 -7.46 15.31 -10.00
CA GLY A 147 -6.24 15.90 -9.40
C GLY A 147 -5.02 15.68 -10.31
N GLY A 148 -5.05 14.64 -11.13
CA GLY A 148 -4.00 14.38 -12.12
C GLY A 148 -3.90 15.52 -13.14
N LEU A 149 -5.03 16.18 -13.41
CA LEU A 149 -5.12 17.29 -14.36
C LEU A 149 -4.43 18.51 -13.78
N VAL A 150 -4.42 18.64 -12.44
CA VAL A 150 -3.73 19.74 -11.75
C VAL A 150 -2.22 19.58 -11.97
N ALA A 151 -1.72 18.35 -11.79
CA ALA A 151 -0.32 17.99 -12.07
C ALA A 151 0.01 18.37 -13.51
N MSE A 152 -0.83 17.96 -14.47
CA MSE A 152 -0.56 18.25 -15.89
C MSE A 152 -0.48 19.74 -16.16
O MSE A 152 0.39 20.18 -16.90
CB MSE A 152 -1.64 17.63 -16.80
CG MSE A 152 -1.66 16.10 -16.85
SE MSE A 152 0.13 15.30 -17.12
CE MSE A 152 -0.31 13.48 -17.38
N GLU A 153 -1.41 20.51 -15.60
CA GLU A 153 -1.47 21.96 -15.78
C GLU A 153 -0.26 22.69 -15.12
N ALA A 154 0.15 22.21 -13.95
CA ALA A 154 1.32 22.74 -13.27
C ALA A 154 2.51 22.56 -14.20
N LEU A 155 2.68 21.36 -14.74
CA LEU A 155 3.73 21.09 -15.71
C LEU A 155 3.49 21.97 -16.94
N ARG A 156 2.28 21.91 -17.50
CA ARG A 156 1.98 22.68 -18.70
C ARG A 156 2.30 24.17 -18.62
N THR A 157 2.04 24.77 -17.46
CA THR A 157 2.24 26.22 -17.27
C THR A 157 3.54 26.61 -16.51
N ASP A 158 4.50 25.69 -16.49
CA ASP A 158 5.84 25.88 -15.94
C ASP A 158 5.90 26.42 -14.50
N ARG A 159 4.99 25.94 -13.64
CA ARG A 159 4.96 26.44 -12.26
C ARG A 159 6.29 26.09 -11.62
N PRO A 160 7.00 27.09 -11.09
CA PRO A 160 8.35 26.89 -10.52
C PRO A 160 8.46 26.16 -9.17
N LEU A 161 7.39 26.09 -8.39
CA LEU A 161 7.37 25.45 -7.09
C LEU A 161 7.72 23.95 -7.09
N PHE A 162 7.15 23.21 -8.05
CA PHE A 162 7.26 21.76 -8.07
C PHE A 162 8.33 21.25 -9.05
N SER A 163 9.13 20.26 -8.63
CA SER A 163 10.13 19.62 -9.53
C SER A 163 9.66 18.27 -10.04
N ALA A 164 8.69 17.69 -9.36
CA ALA A 164 8.23 16.32 -9.66
C ALA A 164 6.75 16.22 -9.52
N TYR A 165 6.17 15.44 -10.42
CA TYR A 165 4.74 15.20 -10.44
C TYR A 165 4.41 13.71 -10.57
N LEU A 166 3.38 13.33 -9.84
CA LEU A 166 2.81 12.01 -9.87
C LEU A 166 1.40 12.22 -10.38
N ALA A 167 1.13 11.71 -11.58
CA ALA A 167 -0.20 11.83 -12.22
C ALA A 167 -0.81 10.42 -12.26
N LEU A 168 -1.74 10.15 -11.36
CA LEU A 168 -2.32 8.82 -11.17
C LEU A 168 -3.71 8.68 -11.83
N ASP A 169 -3.70 8.04 -12.96
CA ASP A 169 -4.87 7.80 -13.82
C ASP A 169 -5.57 9.08 -14.13
N THR A 170 -4.80 10.01 -14.66
CA THR A 170 -5.28 11.37 -14.99
C THR A 170 -6.56 11.34 -15.85
N SER A 171 -7.53 12.18 -15.48
CA SER A 171 -8.79 12.30 -16.22
C SER A 171 -8.60 13.18 -17.49
N LEU A 172 -7.76 12.72 -18.42
CA LEU A 172 -7.46 13.43 -19.66
C LEU A 172 -8.69 13.54 -20.56
N TRP A 173 -9.70 12.70 -20.33
CA TRP A 173 -10.95 12.81 -21.07
C TRP A 173 -11.66 14.17 -20.83
N PHE A 174 -11.32 14.84 -19.73
CA PHE A 174 -12.00 16.07 -19.44
C PHE A 174 -11.72 17.10 -20.53
N ASP A 175 -12.80 17.65 -21.09
CA ASP A 175 -12.74 18.66 -22.13
C ASP A 175 -11.81 18.22 -23.26
N SER A 176 -11.87 16.93 -23.59
CA SER A 176 -11.17 16.35 -24.74
C SER A 176 -12.00 16.51 -26.01
N PRO A 177 -11.33 16.76 -27.15
CA PRO A 177 -9.87 16.79 -27.36
C PRO A 177 -9.13 18.09 -27.02
N HIS A 178 -9.85 19.16 -26.75
CA HIS A 178 -9.30 20.48 -26.48
C HIS A 178 -8.20 20.56 -25.45
N TYR A 179 -8.43 20.12 -24.22
CA TYR A 179 -7.37 20.26 -23.22
C TYR A 179 -6.15 19.42 -23.57
N LEU A 180 -6.40 18.18 -23.96
CA LEU A 180 -5.34 17.26 -24.30
C LEU A 180 -4.43 17.84 -25.39
N THR A 181 -5.00 18.54 -26.39
CA THR A 181 -4.21 19.16 -27.45
C THR A 181 -3.29 20.21 -26.87
N LEU A 182 -3.79 21.00 -25.90
CA LEU A 182 -2.96 22.01 -25.22
C LEU A 182 -1.77 21.36 -24.54
N LEU A 183 -2.00 20.20 -23.93
CA LEU A 183 -0.90 19.44 -23.29
C LEU A 183 0.13 18.95 -24.28
N GLU A 184 -0.36 18.34 -25.37
CA GLU A 184 0.50 17.85 -26.42
C GLU A 184 1.37 18.98 -26.99
N GLU A 185 0.78 20.16 -27.19
CA GLU A 185 1.49 21.33 -27.67
C GLU A 185 2.67 21.66 -26.73
N ARG A 186 2.44 21.53 -25.43
CA ARG A 186 3.49 21.80 -24.46
C ARG A 186 4.65 20.80 -24.57
N VAL A 187 4.31 19.51 -24.73
CA VAL A 187 5.27 18.39 -24.91
C VAL A 187 6.20 18.64 -26.13
N VAL A 188 5.61 18.87 -27.29
CA VAL A 188 6.37 19.21 -28.53
C VAL A 188 7.32 20.40 -28.33
N LYS A 189 6.83 21.43 -27.64
CA LYS A 189 7.60 22.62 -27.31
C LYS A 189 8.74 22.24 -26.33
N GLY A 190 8.49 21.25 -25.49
CA GLY A 190 9.51 20.68 -24.62
C GLY A 190 10.39 21.63 -23.84
N ASP A 191 11.69 21.34 -23.82
CA ASP A 191 12.69 22.10 -23.04
C ASP A 191 12.21 22.37 -21.64
N PHE A 192 11.83 21.31 -20.94
CA PHE A 192 11.42 21.49 -19.54
C PHE A 192 12.61 21.83 -18.66
N LYS A 193 12.35 22.55 -17.57
CA LYS A 193 13.45 22.97 -16.71
C LYS A 193 13.70 21.96 -15.58
N GLN A 194 14.29 20.83 -16.00
CA GLN A 194 14.64 19.69 -15.13
C GLN A 194 13.45 19.25 -14.31
N LYS A 195 12.46 18.77 -15.03
CA LYS A 195 11.23 18.31 -14.44
C LYS A 195 11.17 16.80 -14.49
N GLN A 196 10.26 16.27 -13.68
CA GLN A 196 9.96 14.83 -13.58
C GLN A 196 8.46 14.59 -13.55
N LEU A 197 8.02 13.58 -14.30
CA LEU A 197 6.64 13.18 -14.40
C LEU A 197 6.57 11.65 -14.35
N PHE A 198 5.70 11.14 -13.51
CA PHE A 198 5.39 9.69 -13.45
C PHE A 198 3.92 9.58 -13.72
N MSE A 199 3.54 8.73 -14.66
CA MSE A 199 2.12 8.44 -14.91
C MSE A 199 1.75 7.00 -14.52
O MSE A 199 2.44 6.04 -14.92
CB MSE A 199 1.76 8.63 -16.39
CG MSE A 199 1.77 10.05 -16.86
SE MSE A 199 1.49 10.21 -18.75
CE MSE A 199 -0.29 9.37 -18.86
N ALA A 200 0.68 6.84 -13.75
CA ALA A 200 0.13 5.51 -13.44
C ALA A 200 -1.06 5.43 -14.37
N ILE A 201 -1.23 4.29 -15.02
CA ILE A 201 -2.32 4.11 -15.96
C ILE A 201 -3.05 2.82 -15.61
N ALA A 202 -4.31 2.94 -15.16
CA ALA A 202 -5.12 1.79 -14.77
C ALA A 202 -5.92 1.21 -15.95
N ASN A 203 -6.77 0.22 -15.68
CA ASN A 203 -7.59 -0.46 -16.68
C ASN A 203 -9.10 -0.40 -16.31
N ASN A 204 -9.64 0.81 -16.14
CA ASN A 204 -11.05 0.98 -15.72
C ASN A 204 -11.98 0.61 -16.89
N PRO A 205 -12.99 -0.26 -16.63
CA PRO A 205 -13.93 -0.64 -17.70
C PRO A 205 -14.88 0.46 -18.13
N LEU A 206 -14.92 1.54 -17.36
CA LEU A 206 -15.80 2.65 -17.66
C LEU A 206 -15.08 3.94 -17.96
N SER A 207 -15.71 4.74 -18.82
CA SER A 207 -15.20 6.06 -19.15
C SER A 207 -16.38 7.00 -19.02
N PRO A 208 -16.23 8.01 -18.16
CA PRO A 208 -17.32 8.99 -17.92
C PRO A 208 -17.98 9.47 -19.23
N GLY A 209 -19.30 9.45 -19.21
CA GLY A 209 -20.11 9.84 -20.37
C GLY A 209 -20.22 8.77 -21.45
N PHE A 210 -19.48 7.68 -21.34
CA PHE A 210 -19.52 6.60 -22.35
C PHE A 210 -19.98 5.26 -21.81
N GLY A 211 -19.94 5.06 -20.49
CA GLY A 211 -20.34 3.77 -19.97
C GLY A 211 -19.19 2.84 -20.13
N VAL A 212 -19.46 1.61 -20.54
CA VAL A 212 -18.44 0.59 -20.77
C VAL A 212 -17.65 1.03 -21.99
N SER A 213 -16.43 1.48 -21.70
CA SER A 213 -15.59 2.08 -22.71
C SER A 213 -14.18 2.31 -22.16
N SER A 214 -13.17 2.05 -22.98
CA SER A 214 -11.78 2.27 -22.59
C SER A 214 -11.24 3.63 -23.03
N TYR A 215 -12.13 4.57 -23.37
CA TYR A 215 -11.75 5.89 -23.85
C TYR A 215 -10.78 6.63 -22.92
N HIS A 216 -11.06 6.59 -21.62
CA HIS A 216 -10.22 7.22 -20.60
C HIS A 216 -8.81 6.55 -20.58
N LYS A 217 -8.78 5.21 -20.58
CA LYS A 217 -7.52 4.48 -20.59
C LYS A 217 -6.71 4.76 -21.87
N ASP A 218 -7.38 4.76 -23.01
CA ASP A 218 -6.71 4.99 -24.29
C ASP A 218 -6.07 6.37 -24.38
N LEU A 219 -6.76 7.40 -23.87
CA LEU A 219 -6.19 8.77 -23.79
C LEU A 219 -4.90 8.77 -23.01
N ASN A 220 -4.87 8.04 -21.89
CA ASN A 220 -3.65 7.92 -21.07
C ASN A 220 -2.49 7.21 -21.75
N LEU A 221 -2.76 6.04 -22.34
CA LEU A 221 -1.75 5.22 -22.99
C LEU A 221 -1.10 5.90 -24.20
N ALA A 222 -1.92 6.63 -24.98
CA ALA A 222 -1.45 7.34 -26.14
C ALA A 222 -0.62 8.55 -25.80
N PHE A 223 -0.94 9.20 -24.68
CA PHE A 223 -0.19 10.40 -24.26
C PHE A 223 1.17 9.99 -23.72
N ALA A 224 1.21 8.89 -22.97
CA ALA A 224 2.44 8.30 -22.44
C ALA A 224 3.34 7.87 -23.62
N ASP A 225 2.75 7.17 -24.60
CA ASP A 225 3.46 6.77 -25.82
C ASP A 225 4.02 8.00 -26.52
N LYS A 226 3.24 9.09 -26.55
CA LYS A 226 3.70 10.33 -27.17
C LYS A 226 4.86 10.92 -26.39
N LEU A 227 4.77 10.96 -25.07
CA LEU A 227 5.86 11.47 -24.24
C LEU A 227 7.16 10.62 -24.43
N THR A 228 6.99 9.32 -24.53
CA THR A 228 8.13 8.41 -24.67
C THR A 228 8.80 8.59 -26.01
N LYS A 229 8.01 8.59 -27.08
CA LYS A 229 8.51 8.75 -28.42
C LYS A 229 9.15 10.13 -28.65
N LEU A 230 8.43 11.18 -28.23
CA LEU A 230 8.90 12.59 -28.34
C LEU A 230 10.10 12.90 -27.46
N ALA A 231 10.17 12.27 -26.29
CA ALA A 231 11.29 12.43 -25.37
C ALA A 231 11.70 13.90 -25.19
N PRO A 232 10.79 14.78 -24.74
CA PRO A 232 11.16 16.18 -24.60
C PRO A 232 12.39 16.36 -23.74
N LYS A 233 13.23 17.32 -24.10
CA LYS A 233 14.43 17.64 -23.33
C LYS A 233 14.04 18.21 -21.95
N GLY A 234 14.81 17.85 -20.93
CA GLY A 234 14.59 18.32 -19.59
C GLY A 234 13.51 17.70 -18.73
N LEU A 235 12.89 16.63 -19.22
CA LEU A 235 11.86 15.92 -18.50
C LEU A 235 12.19 14.42 -18.34
N GLY A 236 12.31 13.99 -17.07
CA GLY A 236 12.48 12.57 -16.73
C GLY A 236 11.06 12.05 -16.65
N PHE A 237 10.73 11.06 -17.48
CA PHE A 237 9.39 10.57 -17.58
C PHE A 237 9.34 9.07 -17.43
N MSE A 238 8.32 8.62 -16.73
CA MSE A 238 8.05 7.21 -16.80
C MSE A 238 6.59 6.90 -16.49
O MSE A 238 5.96 7.61 -15.71
CB MSE A 238 9.13 6.46 -16.02
CG MSE A 238 8.88 6.05 -14.67
SE MSE A 238 8.68 4.17 -14.74
CE MSE A 238 9.69 3.78 -16.36
N ALA A 239 6.03 5.92 -17.20
CA ALA A 239 4.67 5.48 -17.01
C ALA A 239 4.64 3.97 -16.69
N LYS A 240 3.63 3.55 -15.96
CA LYS A 240 3.39 2.14 -15.70
C LYS A 240 1.91 1.87 -15.87
N TYR A 241 1.59 0.85 -16.67
CA TYR A 241 0.22 0.41 -16.91
C TYR A 241 -0.10 -0.76 -15.95
N TYR A 242 -1.28 -0.68 -15.33
CA TYR A 242 -1.76 -1.65 -14.36
C TYR A 242 -3.06 -2.33 -14.85
N PRO A 243 -2.94 -3.44 -15.56
CA PRO A 243 -4.17 -4.06 -16.10
C PRO A 243 -5.13 -4.58 -15.02
N GLU A 244 -4.62 -4.86 -13.81
CA GLU A 244 -5.46 -5.41 -12.75
C GLU A 244 -5.88 -4.35 -11.78
N GLU A 245 -5.80 -3.09 -12.17
CA GLU A 245 -6.28 -2.02 -11.34
C GLU A 245 -7.40 -1.23 -12.02
N THR A 246 -8.17 -0.57 -11.15
CA THR A 246 -9.28 0.28 -11.56
C THR A 246 -8.86 1.74 -11.38
N HIS A 247 -9.70 2.62 -11.89
CA HIS A 247 -9.43 4.03 -11.83
C HIS A 247 -9.25 4.51 -10.38
N GLN A 248 -10.14 4.04 -9.52
CA GLN A 248 -10.02 4.37 -8.12
C GLN A 248 -8.90 3.59 -7.37
N SER A 249 -8.78 2.28 -7.58
CA SER A 249 -7.75 1.48 -6.83
C SER A 249 -6.29 1.78 -7.18
N VAL A 250 -6.04 2.43 -8.31
CA VAL A 250 -4.65 2.64 -8.71
C VAL A 250 -3.96 3.77 -7.95
N SER A 251 -4.71 4.57 -7.19
CA SER A 251 -4.14 5.68 -6.42
C SER A 251 -3.04 5.19 -5.51
N HIS A 252 -3.31 4.05 -4.86
CA HIS A 252 -2.37 3.49 -3.89
C HIS A 252 -1.08 2.89 -4.48
N ILE A 253 -1.22 1.88 -5.35
CA ILE A 253 -0.05 1.21 -6.00
C ILE A 253 0.66 2.18 -6.93
N GLY A 254 -0.08 3.15 -7.46
CA GLY A 254 0.47 4.19 -8.34
C GLY A 254 1.45 5.08 -7.58
N LEU A 255 1.08 5.49 -6.37
CA LEU A 255 1.98 6.25 -5.48
C LEU A 255 3.10 5.31 -5.02
N TYR A 256 2.76 4.08 -4.65
CA TYR A 256 3.77 3.14 -4.22
C TYR A 256 4.92 3.10 -5.24
N ASP A 257 4.59 2.86 -6.51
CA ASP A 257 5.63 2.69 -7.51
C ASP A 257 6.20 4.00 -7.96
N GLY A 258 5.36 5.03 -7.96
CA GLY A 258 5.77 6.35 -8.39
C GLY A 258 6.80 6.97 -7.47
N ILE A 259 6.56 6.91 -6.16
CA ILE A 259 7.42 7.53 -5.15
C ILE A 259 8.71 6.75 -4.96
N ARG A 260 8.64 5.43 -5.14
CA ARG A 260 9.77 4.57 -5.10
C ARG A 260 10.70 4.80 -6.30
N HIS A 261 10.12 4.98 -7.46
CA HIS A 261 10.88 5.32 -8.65
C HIS A 261 11.54 6.70 -8.51
N LEU A 262 10.79 7.68 -8.00
CA LEU A 262 11.35 9.01 -7.79
C LEU A 262 12.57 9.03 -6.89
N PHE A 263 12.52 8.25 -5.82
CA PHE A 263 13.61 8.21 -4.82
C PHE A 263 14.58 7.04 -4.88
N LYS A 264 14.46 6.27 -5.95
CA LYS A 264 15.24 5.08 -6.20
C LYS A 264 16.75 5.28 -6.05
N ASP A 265 17.28 6.29 -6.74
CA ASP A 265 18.72 6.49 -6.76
C ASP A 265 19.32 7.21 -5.54
N PHE A 266 18.50 7.47 -4.52
CA PHE A 266 18.92 8.20 -3.29
C PHE A 266 19.56 7.29 -2.27
N ALA A 267 19.30 5.99 -2.41
CA ALA A 267 19.85 4.95 -1.54
C ALA A 267 21.39 4.83 -1.68
N ILE A 268 22.05 4.66 -0.55
CA ILE A 268 23.51 4.52 -0.47
C ILE A 268 23.76 3.10 0.05
N ASP A 269 24.38 2.27 -0.79
CA ASP A 269 24.70 0.89 -0.42
C ASP A 269 26.13 0.86 0.08
N ILE A 270 26.31 0.76 1.39
CA ILE A 270 27.65 0.78 1.97
C ILE A 270 28.38 -0.57 1.90
N TYR A 271 28.10 -1.39 0.87
CA TYR A 271 28.73 -2.72 0.74
C TYR A 271 29.39 -2.89 -0.63
N PHE A 275 31.76 1.68 -3.28
CA PHE A 275 31.42 2.66 -2.25
C PHE A 275 32.64 3.48 -1.79
N SER A 276 32.44 4.81 -1.77
CA SER A 276 33.47 5.77 -1.36
C SER A 276 32.82 7.12 -1.13
N LYS A 277 33.54 8.04 -0.49
CA LYS A 277 33.03 9.39 -0.24
C LYS A 277 32.61 10.07 -1.56
N GLN A 278 33.51 10.01 -2.53
CA GLN A 278 33.30 10.61 -3.84
C GLN A 278 32.13 9.98 -4.60
N GLN A 279 31.94 8.66 -4.49
CA GLN A 279 30.82 7.97 -5.18
C GLN A 279 29.46 8.57 -4.79
N VAL A 280 29.30 8.92 -3.50
CA VAL A 280 28.06 9.54 -2.98
C VAL A 280 28.00 11.03 -3.37
N ILE A 281 29.14 11.73 -3.32
CA ILE A 281 29.20 13.12 -3.79
C ILE A 281 28.67 13.21 -5.25
N ASP A 282 29.20 12.34 -6.11
CA ASP A 282 28.84 12.29 -7.53
C ASP A 282 27.37 11.91 -7.69
N GLN A 283 26.97 10.86 -6.97
CA GLN A 283 25.59 10.36 -6.92
C GLN A 283 24.63 11.50 -6.65
N TYR A 284 24.93 12.28 -5.61
CA TYR A 284 24.07 13.41 -5.28
C TYR A 284 24.20 14.59 -6.27
N GLY A 285 25.33 14.67 -6.99
CA GLY A 285 25.49 15.65 -8.05
C GLY A 285 24.50 15.33 -9.17
N VAL A 286 24.37 14.05 -9.51
CA VAL A 286 23.45 13.62 -10.54
C VAL A 286 22.00 13.90 -10.12
N LEU A 287 21.66 13.58 -8.86
CA LEU A 287 20.30 13.86 -8.34
C LEU A 287 20.01 15.36 -8.41
N SER A 288 20.98 16.17 -8.01
CA SER A 288 20.83 17.61 -8.07
C SER A 288 20.54 18.13 -9.49
N GLU A 289 21.26 17.58 -10.47
CA GLU A 289 21.11 18.00 -11.83
C GLU A 289 19.72 17.54 -12.34
N ARG A 290 19.25 16.39 -11.87
CA ARG A 290 17.96 15.81 -12.29
C ARG A 290 16.78 16.64 -11.72
N PHE A 291 16.86 17.00 -10.45
CA PHE A 291 15.82 17.82 -9.82
C PHE A 291 15.96 19.33 -10.13
N GLY A 292 17.03 19.73 -10.83
CA GLY A 292 17.24 21.16 -11.11
C GLY A 292 17.41 21.99 -9.83
N HIS A 293 17.67 21.33 -8.71
CA HIS A 293 17.88 21.99 -7.42
C HIS A 293 18.83 21.12 -6.59
N LYS A 294 19.60 21.74 -5.69
CA LYS A 294 20.50 21.04 -4.78
C LYS A 294 19.84 19.92 -4.00
N VAL A 295 20.43 18.73 -4.07
CA VAL A 295 19.94 17.54 -3.38
C VAL A 295 21.13 16.96 -2.62
N THR A 296 20.95 16.72 -1.33
CA THR A 296 22.02 16.22 -0.45
C THR A 296 21.51 15.07 0.43
N PRO A 297 22.41 14.14 0.80
CA PRO A 297 21.92 13.06 1.61
C PRO A 297 21.27 13.51 2.93
N SER A 298 20.15 12.87 3.24
CA SER A 298 19.44 13.09 4.49
C SER A 298 20.36 12.91 5.68
N GLN A 299 20.38 13.90 6.57
CA GLN A 299 21.16 13.85 7.81
C GLN A 299 20.81 12.62 8.69
N GLN A 300 19.52 12.29 8.84
CA GLN A 300 19.08 11.10 9.62
C GLN A 300 19.63 9.81 9.04
N TYR A 301 19.49 9.70 7.73
CA TYR A 301 19.91 8.55 6.93
C TYR A 301 21.39 8.30 7.11
N LEU A 302 22.20 9.34 6.99
CA LEU A 302 23.63 9.22 7.18
C LEU A 302 23.94 8.71 8.57
N GLU A 303 23.28 9.31 9.56
CA GLU A 303 23.45 8.91 10.97
C GLU A 303 23.05 7.43 11.17
N GLN A 304 22.03 6.98 10.46
CA GLN A 304 21.63 5.56 10.51
C GLN A 304 22.75 4.70 9.97
N LEU A 305 23.29 5.07 8.81
CA LEU A 305 24.40 4.34 8.18
C LEU A 305 25.69 4.28 9.04
N ILE A 306 26.08 5.41 9.65
CA ILE A 306 27.27 5.50 10.51
C ILE A 306 27.14 4.64 11.75
N GLN A 307 25.94 4.64 12.35
CA GLN A 307 25.69 3.83 13.57
C GLN A 307 25.64 2.32 13.29
N TYR A 308 25.10 1.93 12.14
CA TYR A 308 25.13 0.51 11.75
C TYR A 308 26.60 0.15 11.61
N SER A 309 27.30 0.89 10.74
CA SER A 309 28.73 0.73 10.53
C SER A 309 29.47 0.69 11.86
N ASP A 310 29.18 1.67 12.72
CA ASP A 310 29.80 1.77 14.05
C ASP A 310 29.55 0.52 14.88
N ARG A 311 28.30 0.07 14.87
CA ARG A 311 27.89 -1.12 15.58
C ARG A 311 28.63 -2.32 15.01
N GLN A 312 28.57 -2.49 13.70
CA GLN A 312 29.19 -3.67 13.04
C GLN A 312 30.70 -3.55 12.78
N GLN A 313 31.41 -2.68 13.51
CA GLN A 313 32.87 -2.52 13.37
C GLN A 313 33.31 -2.38 11.91
N LEU A 314 32.44 -1.77 11.11
CA LEU A 314 32.63 -1.66 9.65
C LEU A 314 33.74 -0.74 9.17
N THR A 315 34.90 -1.36 8.95
CA THR A 315 36.04 -0.74 8.28
C THR A 315 36.18 0.76 8.61
N GLU A 316 36.66 1.54 7.64
CA GLU A 316 36.65 2.99 7.74
C GLU A 316 35.41 3.47 6.96
N ARG A 317 34.46 2.56 6.71
CA ARG A 317 33.18 2.92 6.11
C ARG A 317 32.52 3.93 7.06
N LYS A 318 32.60 3.66 8.36
CA LYS A 318 32.11 4.60 9.35
C LYS A 318 32.81 5.94 9.08
N GLN A 319 34.14 5.89 8.99
CA GLN A 319 34.95 7.09 8.72
C GLN A 319 34.55 7.76 7.39
N MSE A 320 34.30 6.95 6.35
CA MSE A 320 33.88 7.45 5.02
C MSE A 320 32.55 8.15 5.15
O MSE A 320 32.40 9.28 4.72
CB MSE A 320 33.76 6.32 3.97
CG MSE A 320 35.07 5.81 3.37
SE MSE A 320 34.75 4.52 1.92
CE MSE A 320 36.69 4.31 1.32
N LEU A 321 31.58 7.47 5.75
CA LEU A 321 30.28 8.06 6.05
C LEU A 321 30.41 9.33 6.89
N GLU A 322 31.23 9.27 7.96
CA GLU A 322 31.50 10.47 8.78
C GLU A 322 32.14 11.56 7.92
N GLY A 323 32.96 11.14 6.94
CA GLY A 323 33.60 12.06 5.99
C GLY A 323 32.52 12.72 5.17
N LEU A 324 31.63 11.88 4.66
CA LEU A 324 30.44 12.34 3.96
C LEU A 324 29.67 13.28 4.86
N ARG A 325 29.43 12.86 6.09
CA ARG A 325 28.68 13.66 7.07
C ARG A 325 29.22 15.09 7.15
N GLN A 326 30.54 15.24 7.26
CA GLN A 326 31.22 16.56 7.35
C GLN A 326 31.11 17.40 6.06
N HIS A 327 31.42 16.79 4.92
CA HIS A 327 31.31 17.45 3.62
C HIS A 327 29.98 18.19 3.43
N PHE A 328 28.86 17.55 3.80
CA PHE A 328 27.55 18.18 3.65
C PHE A 328 27.13 19.10 4.82
N ALA A 329 28.06 19.38 5.75
CA ALA A 329 27.82 20.29 6.87
C ALA A 329 28.53 21.62 6.63
N GLU B 11 -10.84 3.85 11.64
CA GLU B 11 -11.79 3.83 12.81
C GLU B 11 -11.86 2.46 13.50
N TYR B 12 -11.24 2.33 14.66
CA TYR B 12 -11.24 1.06 15.38
C TYR B 12 -11.77 1.16 16.83
N GLN B 13 -11.96 -0.02 17.43
CA GLN B 13 -12.30 -0.20 18.84
C GLN B 13 -11.03 -0.75 19.48
N SER B 14 -10.75 -0.28 20.68
CA SER B 14 -9.58 -0.74 21.42
C SER B 14 -10.08 -1.65 22.53
N LYS B 15 -9.69 -2.93 22.47
CA LYS B 15 -10.22 -3.90 23.44
C LYS B 15 -9.20 -4.70 24.23
N ARG B 16 -9.69 -5.28 25.32
CA ARG B 16 -8.92 -6.09 26.26
C ARG B 16 -9.64 -7.36 26.59
N LEU B 17 -8.86 -8.40 26.80
CA LEU B 17 -9.35 -9.72 27.12
C LEU B 17 -8.42 -10.31 28.15
N GLU B 18 -8.97 -10.81 29.24
CA GLU B 18 -8.12 -11.44 30.25
C GLU B 18 -7.91 -12.88 29.80
N SER B 19 -6.69 -13.24 29.47
CA SER B 19 -6.40 -14.60 29.06
C SER B 19 -6.12 -15.47 30.30
N ARG B 20 -7.02 -16.43 30.53
CA ARG B 20 -6.81 -17.42 31.58
C ARG B 20 -5.68 -18.39 31.13
N LEU B 21 -5.59 -18.68 29.83
CA LEU B 21 -4.53 -19.58 29.27
C LEU B 21 -3.11 -18.95 29.39
N LEU B 22 -2.98 -17.72 28.95
CA LEU B 22 -1.67 -17.05 28.95
C LEU B 22 -1.41 -16.32 30.27
N LYS B 23 -2.40 -16.25 31.15
CA LYS B 23 -2.26 -15.65 32.48
C LYS B 23 -1.89 -14.15 32.42
N GLU B 24 -2.59 -13.40 31.58
CA GLU B 24 -2.31 -11.97 31.47
C GLU B 24 -3.38 -11.30 30.66
N THR B 25 -3.39 -9.98 30.75
CA THR B 25 -4.31 -9.20 29.94
C THR B 25 -3.79 -9.11 28.54
N ARG B 26 -4.71 -9.30 27.62
CA ARG B 26 -4.44 -9.21 26.22
C ARG B 26 -5.24 -8.09 25.57
N GLU B 27 -4.53 -7.23 24.87
CA GLU B 27 -5.15 -6.13 24.13
C GLU B 27 -5.19 -6.39 22.66
N TYR B 28 -6.24 -5.89 22.02
CA TYR B 28 -6.40 -5.99 20.58
C TYR B 28 -7.27 -4.84 20.07
N VAL B 29 -7.25 -4.68 18.74
CA VAL B 29 -7.96 -3.63 18.02
C VAL B 29 -8.83 -4.25 16.94
N ILE B 30 -10.05 -3.74 16.82
CA ILE B 30 -11.00 -4.21 15.83
C ILE B 30 -11.36 -3.06 14.88
N ALA B 31 -11.21 -3.30 13.58
CA ALA B 31 -11.71 -2.37 12.56
C ALA B 31 -12.91 -3.03 11.87
N LEU B 32 -14.10 -2.42 12.00
CA LEU B 32 -15.30 -2.91 11.35
C LEU B 32 -15.39 -2.33 9.92
N PRO B 33 -15.90 -3.13 8.96
CA PRO B 33 -16.00 -2.64 7.56
C PRO B 33 -17.06 -1.58 7.42
N GLU B 34 -16.87 -0.64 6.51
CA GLU B 34 -17.89 0.39 6.34
C GLU B 34 -19.20 -0.33 5.94
N GLY B 35 -20.34 0.20 6.40
CA GLY B 35 -21.67 -0.40 6.17
C GLY B 35 -22.03 -1.49 7.18
N TYR B 36 -21.11 -1.83 8.08
CA TYR B 36 -21.31 -2.91 9.06
C TYR B 36 -22.65 -2.81 9.79
N ALA B 37 -22.89 -1.65 10.39
CA ALA B 37 -24.10 -1.43 11.15
C ALA B 37 -25.40 -1.40 10.36
N GLN B 38 -25.34 -1.40 9.03
CA GLN B 38 -26.51 -1.22 8.19
C GLN B 38 -27.25 -2.47 7.70
N SER B 39 -26.81 -3.65 8.15
CA SER B 39 -27.42 -4.92 7.75
C SER B 39 -26.99 -6.06 8.68
N LEU B 40 -27.42 -7.28 8.34
CA LEU B 40 -27.05 -8.49 9.09
C LEU B 40 -26.03 -9.31 8.34
N GLU B 41 -25.42 -8.71 7.33
CA GLU B 41 -24.35 -9.35 6.59
C GLU B 41 -23.24 -9.82 7.52
N ALA B 42 -22.79 -11.05 7.35
CA ALA B 42 -21.70 -11.54 8.16
C ALA B 42 -20.46 -11.39 7.30
N TYR B 43 -19.32 -11.13 7.93
CA TYR B 43 -18.06 -10.92 7.23
C TYR B 43 -16.91 -11.83 7.63
N PRO B 44 -15.90 -11.97 6.75
CA PRO B 44 -14.69 -12.69 7.12
C PRO B 44 -13.85 -11.85 8.08
N VAL B 45 -12.91 -12.49 8.76
CA VAL B 45 -12.11 -11.82 9.73
C VAL B 45 -10.64 -12.00 9.33
N VAL B 46 -9.91 -10.89 9.20
CA VAL B 46 -8.49 -10.93 8.92
C VAL B 46 -7.79 -10.58 10.22
N TYR B 47 -7.19 -11.61 10.83
CA TYR B 47 -6.36 -11.44 12.03
C TYR B 47 -4.94 -11.03 11.67
N LEU B 48 -4.52 -9.91 12.21
CA LEU B 48 -3.20 -9.33 11.96
C LEU B 48 -2.28 -9.46 13.19
N LEU B 49 -1.13 -10.12 13.03
CA LEU B 49 -0.18 -10.22 14.12
C LEU B 49 0.65 -8.93 14.14
N ASP B 50 1.43 -8.72 15.22
CA ASP B 50 2.25 -7.50 15.40
C ASP B 50 1.38 -6.27 15.24
N GLY B 51 0.20 -6.31 15.85
CA GLY B 51 -0.77 -5.24 15.79
C GLY B 51 -0.16 -3.89 16.09
N GLU B 52 0.60 -3.81 17.18
CA GLU B 52 1.24 -2.55 17.61
C GLU B 52 2.06 -1.85 16.52
N ASP B 53 2.80 -2.64 15.76
CA ASP B 53 3.65 -2.20 14.67
C ASP B 53 2.95 -2.11 13.29
N GLN B 54 2.18 -3.14 12.95
CA GLN B 54 1.61 -3.33 11.59
C GLN B 54 0.13 -2.98 11.32
N PHE B 55 -0.67 -2.72 12.35
CA PHE B 55 -2.08 -2.53 12.14
C PHE B 55 -2.43 -1.29 11.32
N ASP B 56 -1.78 -0.16 11.60
CA ASP B 56 -2.15 1.07 10.91
C ASP B 56 -2.04 1.02 9.36
N HIS B 57 -0.88 0.63 8.85
CA HIS B 57 -0.67 0.60 7.40
C HIS B 57 -1.44 -0.56 6.75
N MSE B 58 -1.50 -1.69 7.44
CA MSE B 58 -2.23 -2.86 6.94
C MSE B 58 -3.74 -2.64 6.95
O MSE B 58 -4.42 -2.89 5.95
CB MSE B 58 -1.87 -4.10 7.74
CG MSE B 58 -0.48 -4.62 7.54
SE MSE B 58 -0.36 -6.39 8.33
CE MSE B 58 1.50 -6.85 7.78
N ALA B 59 -4.28 -2.16 8.06
CA ALA B 59 -5.68 -1.85 8.12
C ALA B 59 -6.09 -0.79 7.10
N SER B 60 -5.30 0.27 6.95
CA SER B 60 -5.65 1.32 5.99
CA SER B 60 -5.60 1.32 5.98
C SER B 60 -5.62 0.76 4.56
N LEU B 61 -4.75 -0.17 4.26
CA LEU B 61 -4.72 -0.76 2.94
C LEU B 61 -5.92 -1.67 2.74
N LEU B 62 -6.18 -2.53 3.71
CA LEU B 62 -7.30 -3.45 3.63
C LEU B 62 -8.60 -2.71 3.41
N GLN B 63 -8.79 -1.58 4.10
CA GLN B 63 -10.01 -0.79 3.93
C GLN B 63 -10.07 -0.07 2.56
N PHE B 64 -8.94 0.45 2.10
CA PHE B 64 -8.86 1.05 0.78
C PHE B 64 -9.22 0.06 -0.35
N LEU B 65 -8.70 -1.16 -0.23
CA LEU B 65 -8.92 -2.19 -1.24
C LEU B 65 -10.39 -2.63 -1.29
N SER B 66 -11.13 -2.46 -0.20
CA SER B 66 -12.52 -2.92 -0.12
C SER B 66 -13.56 -1.84 -0.32
N GLN B 67 -13.11 -0.61 -0.54
CA GLN B 67 -14.05 0.51 -0.66
C GLN B 67 -14.30 0.83 -2.13
N GLY B 68 -15.32 1.64 -2.40
CA GLY B 68 -15.62 2.07 -3.76
C GLY B 68 -16.68 1.23 -4.46
N THR B 69 -16.86 1.51 -5.75
CA THR B 69 -17.83 0.82 -6.58
C THR B 69 -17.28 -0.48 -7.18
N MSE B 70 -15.97 -0.62 -7.21
CA MSE B 70 -15.33 -1.80 -7.77
C MSE B 70 -14.31 -2.33 -6.78
O MSE B 70 -13.12 -2.46 -7.11
CB MSE B 70 -14.60 -1.43 -9.07
CG MSE B 70 -15.43 -0.59 -10.01
SE MSE B 70 -14.38 -0.06 -11.52
CE MSE B 70 -14.17 -1.98 -12.31
N PRO B 71 -14.78 -2.74 -5.59
CA PRO B 71 -13.87 -3.19 -4.57
C PRO B 71 -13.01 -4.35 -5.08
N GLN B 72 -11.76 -4.36 -4.64
CA GLN B 72 -10.76 -5.32 -5.10
C GLN B 72 -10.72 -6.53 -4.18
N ILE B 73 -11.20 -6.34 -2.96
CA ILE B 73 -11.34 -7.45 -2.03
C ILE B 73 -12.68 -7.18 -1.37
N PRO B 74 -13.27 -8.20 -0.74
CA PRO B 74 -14.53 -7.96 -0.01
C PRO B 74 -14.35 -7.18 1.30
N LYS B 75 -15.45 -6.74 1.87
CA LYS B 75 -15.48 -6.12 3.16
C LYS B 75 -15.04 -7.16 4.19
N VAL B 76 -14.21 -6.76 5.14
CA VAL B 76 -13.74 -7.67 6.20
C VAL B 76 -13.70 -7.00 7.58
N ILE B 77 -13.69 -7.84 8.62
CA ILE B 77 -13.53 -7.33 9.98
C ILE B 77 -12.02 -7.48 10.16
N ILE B 78 -11.36 -6.47 10.70
CA ILE B 78 -9.91 -6.60 10.91
C ILE B 78 -9.65 -6.61 12.40
N VAL B 79 -8.89 -7.59 12.86
CA VAL B 79 -8.51 -7.71 14.26
C VAL B 79 -6.99 -7.63 14.30
N GLY B 80 -6.46 -6.64 15.03
CA GLY B 80 -5.00 -6.50 15.21
C GLY B 80 -4.65 -7.00 16.61
N ILE B 81 -3.74 -7.97 16.73
CA ILE B 81 -3.37 -8.55 18.02
C ILE B 81 -2.06 -7.94 18.57
N HIS B 82 -2.18 -7.28 19.72
CA HIS B 82 -1.04 -6.62 20.34
C HIS B 82 -0.17 -7.58 21.12
N ASN B 83 1.13 -7.31 21.10
CA ASN B 83 2.09 -8.13 21.81
C ASN B 83 2.34 -7.78 23.28
N THR B 84 2.68 -8.82 24.02
CA THR B 84 3.14 -8.71 25.39
C THR B 84 4.58 -9.23 25.32
N ASN B 85 4.74 -10.57 25.28
CA ASN B 85 6.02 -11.23 25.22
C ASN B 85 6.11 -11.94 23.86
N ARG B 86 6.67 -11.24 22.87
CA ARG B 86 6.66 -11.66 21.48
C ARG B 86 7.53 -12.89 21.24
N MSE B 87 8.67 -12.97 21.89
CA MSE B 87 9.57 -14.13 21.72
C MSE B 87 8.95 -15.42 22.25
O MSE B 87 9.23 -16.49 21.74
CB MSE B 87 10.96 -13.87 22.35
CG MSE B 87 11.73 -12.83 21.57
SE MSE B 87 12.10 -13.45 19.70
CE MSE B 87 13.23 -14.86 20.17
N ARG B 88 8.09 -15.30 23.26
CA ARG B 88 7.38 -16.44 23.80
C ARG B 88 6.28 -16.84 22.84
N ASP B 89 5.43 -15.87 22.54
CA ASP B 89 4.24 -16.14 21.75
C ASP B 89 4.46 -16.43 20.29
N TYR B 90 5.54 -15.93 19.70
CA TYR B 90 5.71 -16.08 18.25
C TYR B 90 6.67 -17.19 17.81
N THR B 91 7.29 -17.89 18.76
CA THR B 91 8.22 -18.96 18.39
C THR B 91 7.67 -20.32 18.76
N PRO B 92 7.71 -21.26 17.79
CA PRO B 92 7.07 -22.53 18.03
C PRO B 92 7.92 -23.54 18.78
N THR B 93 9.23 -23.28 18.87
CA THR B 93 10.16 -24.15 19.58
C THR B 93 11.11 -23.33 20.46
N HIS B 94 11.77 -24.01 21.39
CA HIS B 94 12.64 -23.36 22.33
C HIS B 94 14.11 -23.42 21.93
N THR B 95 14.76 -22.26 21.87
CA THR B 95 16.20 -22.25 21.70
C THR B 95 16.79 -20.98 22.33
N LEU B 96 18.04 -21.08 22.80
CA LEU B 96 18.76 -19.91 23.36
C LEU B 96 19.76 -19.33 22.36
N VAL B 97 19.92 -19.98 21.20
CA VAL B 97 20.92 -19.61 20.20
C VAL B 97 20.34 -19.30 18.83
N LEU B 98 21.15 -18.56 18.08
CA LEU B 98 20.93 -18.18 16.68
C LEU B 98 21.52 -19.33 15.86
N PRO B 99 21.23 -19.39 14.54
CA PRO B 99 21.77 -20.46 13.69
C PRO B 99 23.30 -20.57 13.70
N SER B 100 23.98 -19.45 13.99
CA SER B 100 25.43 -19.42 14.11
C SER B 100 25.91 -20.26 15.28
N GLY B 101 25.02 -20.55 16.23
CA GLY B 101 25.43 -21.24 17.45
C GLY B 101 25.66 -20.22 18.56
N ASN B 102 25.67 -18.95 18.21
CA ASN B 102 25.86 -17.88 19.18
C ASN B 102 24.56 -17.61 19.86
N LYS B 103 24.69 -17.20 21.11
CA LYS B 103 23.53 -16.97 21.95
C LYS B 103 22.65 -15.85 21.41
N GLY B 104 21.34 -16.08 21.40
CA GLY B 104 20.39 -15.05 20.97
C GLY B 104 20.27 -14.09 22.13
N ASN B 105 19.58 -12.99 21.97
CA ASN B 105 19.42 -12.01 23.06
C ASN B 105 18.76 -12.65 24.32
N PRO B 106 18.78 -11.94 25.47
CA PRO B 106 18.23 -12.61 26.68
C PRO B 106 16.76 -13.05 26.63
N GLN B 107 16.00 -12.47 25.71
CA GLN B 107 14.60 -12.82 25.54
C GLN B 107 14.37 -14.17 24.84
N TYR B 108 15.45 -14.80 24.38
CA TYR B 108 15.39 -16.18 23.86
C TYR B 108 15.01 -17.18 24.96
N GLN B 109 15.26 -16.85 26.21
CA GLN B 109 14.88 -17.72 27.33
C GLN B 109 13.39 -18.07 27.31
N HIS B 110 12.58 -17.18 26.73
CA HIS B 110 11.13 -17.37 26.65
C HIS B 110 10.55 -18.11 25.43
N THR B 111 11.39 -18.46 24.48
CA THR B 111 10.89 -19.02 23.24
C THR B 111 10.16 -20.34 23.37
N GLY B 112 9.30 -20.61 22.39
CA GLY B 112 8.62 -21.89 22.33
C GLY B 112 7.17 -21.93 22.74
N GLY B 113 6.53 -20.77 22.85
CA GLY B 113 5.11 -20.68 23.26
C GLY B 113 4.08 -20.37 22.15
N ALA B 114 4.46 -20.53 20.88
CA ALA B 114 3.51 -20.26 19.76
C ALA B 114 2.22 -21.12 19.86
N GLY B 115 2.39 -22.37 20.34
CA GLY B 115 1.28 -23.31 20.48
C GLY B 115 0.26 -22.77 21.44
N ARG B 116 0.76 -22.28 22.57
CA ARG B 116 -0.04 -21.67 23.64
C ARG B 116 -0.65 -20.35 23.21
N PHE B 117 0.08 -19.55 22.47
CA PHE B 117 -0.45 -18.30 21.94
C PHE B 117 -1.61 -18.58 20.97
N LEU B 118 -1.43 -19.56 20.08
CA LEU B 118 -2.49 -19.99 19.16
C LEU B 118 -3.74 -20.48 19.88
N ASP B 119 -3.55 -21.19 21.01
CA ASP B 119 -4.66 -21.66 21.84
C ASP B 119 -5.42 -20.46 22.40
N PHE B 120 -4.70 -19.40 22.77
CA PHE B 120 -5.35 -18.13 23.15
C PHE B 120 -6.19 -17.60 21.97
N ILE B 121 -5.66 -17.63 20.76
CA ILE B 121 -6.44 -17.10 19.65
C ILE B 121 -7.71 -17.94 19.42
N GLU B 122 -7.55 -19.25 19.35
CA GLU B 122 -8.66 -20.11 19.05
C GLU B 122 -9.67 -20.31 20.14
N LYS B 123 -9.25 -20.30 21.40
CA LYS B 123 -10.16 -20.56 22.53
C LYS B 123 -10.65 -19.38 23.32
N GLU B 124 -10.00 -18.24 23.19
CA GLU B 124 -10.38 -17.08 23.94
C GLU B 124 -10.70 -15.93 23.04
N LEU B 125 -9.76 -15.51 22.22
CA LEU B 125 -9.99 -14.36 21.35
C LEU B 125 -11.10 -14.59 20.31
N ALA B 126 -10.91 -15.55 19.41
CA ALA B 126 -11.89 -15.82 18.34
C ALA B 126 -13.33 -15.98 18.82
N PRO B 127 -13.57 -16.85 19.84
CA PRO B 127 -14.90 -16.99 20.42
C PRO B 127 -15.51 -15.68 20.91
N SER B 128 -14.68 -14.80 21.48
CA SER B 128 -15.16 -13.51 21.96
C SER B 128 -15.57 -12.62 20.78
N ILE B 129 -14.73 -12.59 19.73
CA ILE B 129 -14.95 -11.81 18.49
C ILE B 129 -16.24 -12.23 17.81
N GLU B 130 -16.41 -13.54 17.69
CA GLU B 130 -17.53 -14.15 17.00
C GLU B 130 -18.80 -14.00 17.79
N SER B 131 -18.66 -13.86 19.11
CA SER B 131 -19.83 -13.62 19.92
C SER B 131 -20.27 -12.15 19.75
N GLN B 132 -19.32 -11.23 19.64
CA GLN B 132 -19.63 -9.77 19.51
C GLN B 132 -20.05 -9.29 18.13
N LEU B 133 -19.47 -9.87 17.10
CA LEU B 133 -19.68 -9.45 15.71
C LEU B 133 -20.21 -10.59 14.86
N ARG B 134 -20.81 -10.25 13.73
CA ARG B 134 -21.33 -11.23 12.76
C ARG B 134 -20.17 -11.65 11.82
N THR B 135 -19.66 -12.86 12.02
CA THR B 135 -18.56 -13.42 11.25
C THR B 135 -19.04 -14.53 10.33
N ASN B 136 -18.42 -14.72 9.17
CA ASN B 136 -18.95 -15.71 8.21
C ASN B 136 -18.24 -17.07 8.15
N GLY B 137 -17.27 -17.27 9.04
CA GLY B 137 -16.54 -18.54 9.11
C GLY B 137 -15.26 -18.57 8.28
N ILE B 138 -15.02 -17.52 7.50
CA ILE B 138 -13.76 -17.40 6.78
C ILE B 138 -12.84 -16.55 7.64
N ASN B 139 -11.75 -17.14 8.10
CA ASN B 139 -10.76 -16.44 8.92
C ASN B 139 -9.40 -16.51 8.29
N VAL B 140 -8.73 -15.37 8.20
CA VAL B 140 -7.40 -15.27 7.60
C VAL B 140 -6.39 -14.85 8.69
N LEU B 141 -5.16 -15.37 8.63
CA LEU B 141 -4.09 -14.96 9.55
C LEU B 141 -2.94 -14.39 8.76
N VAL B 142 -2.50 -13.19 9.13
CA VAL B 142 -1.37 -12.51 8.48
C VAL B 142 -0.24 -12.29 9.49
N GLY B 143 0.90 -12.94 9.23
CA GLY B 143 2.10 -12.85 10.09
C GLY B 143 3.34 -12.50 9.27
N HIS B 144 4.10 -11.53 9.76
CA HIS B 144 5.31 -11.05 9.13
C HIS B 144 6.48 -11.36 10.08
N SER B 145 7.63 -11.74 9.53
CA SER B 145 8.83 -12.03 10.32
C SER B 145 8.53 -13.20 11.29
N PHE B 146 8.75 -13.02 12.60
CA PHE B 146 8.44 -14.06 13.56
C PHE B 146 6.94 -14.35 13.54
N GLY B 147 6.11 -13.35 13.19
CA GLY B 147 4.66 -13.57 13.12
C GLY B 147 4.40 -14.62 12.06
N GLY B 148 5.26 -14.70 11.05
CA GLY B 148 5.13 -15.72 10.01
C GLY B 148 5.25 -17.13 10.60
N LEU B 149 6.10 -17.30 11.62
CA LEU B 149 6.24 -18.61 12.26
C LEU B 149 4.93 -19.03 12.99
N VAL B 150 4.13 -18.05 13.41
CA VAL B 150 2.85 -18.34 14.06
C VAL B 150 1.91 -18.93 13.01
N ALA B 151 1.90 -18.29 11.83
CA ALA B 151 1.17 -18.76 10.66
C ALA B 151 1.62 -20.20 10.24
N MSE B 152 2.93 -20.41 10.09
CA MSE B 152 3.48 -21.73 9.72
C MSE B 152 3.17 -22.79 10.74
O MSE B 152 2.91 -23.92 10.40
CB MSE B 152 5.00 -21.69 9.57
CG MSE B 152 5.46 -20.84 8.43
SE MSE B 152 4.66 -21.38 6.74
CE MSE B 152 5.83 -20.15 5.62
N GLU B 153 3.17 -22.42 12.01
CA GLU B 153 2.83 -23.33 13.10
C GLU B 153 1.31 -23.67 13.19
N ALA B 154 0.44 -22.74 12.81
CA ALA B 154 -0.99 -22.96 12.80
C ALA B 154 -1.34 -23.98 11.70
N LEU B 155 -0.67 -23.84 10.56
CA LEU B 155 -0.80 -24.76 9.45
C LEU B 155 -0.19 -26.10 9.86
N ARG B 156 1.01 -26.04 10.44
CA ARG B 156 1.67 -27.26 10.88
C ARG B 156 0.83 -28.07 11.89
N THR B 157 0.08 -27.39 12.74
CA THR B 157 -0.69 -28.08 13.77
C THR B 157 -2.18 -28.21 13.42
N ASP B 158 -2.50 -28.02 12.13
CA ASP B 158 -3.85 -28.22 11.62
C ASP B 158 -4.94 -27.47 12.36
N ARG B 159 -4.65 -26.22 12.76
CA ARG B 159 -5.61 -25.38 13.47
C ARG B 159 -6.88 -25.17 12.64
N PRO B 160 -8.05 -25.51 13.17
CA PRO B 160 -9.31 -25.40 12.42
C PRO B 160 -9.82 -23.98 12.10
N LEU B 161 -9.45 -22.98 12.91
CA LEU B 161 -9.94 -21.60 12.74
C LEU B 161 -9.62 -20.95 11.41
N PHE B 162 -8.39 -21.08 10.93
CA PHE B 162 -7.99 -20.37 9.74
C PHE B 162 -8.05 -21.20 8.44
N SER B 163 -8.59 -20.56 7.39
CA SER B 163 -8.72 -21.11 6.05
C SER B 163 -7.51 -20.70 5.21
N ALA B 164 -6.99 -19.51 5.52
CA ALA B 164 -5.92 -18.93 4.73
C ALA B 164 -4.89 -18.23 5.60
N TYR B 165 -3.65 -18.34 5.18
CA TYR B 165 -2.49 -17.77 5.85
C TYR B 165 -1.64 -16.96 4.89
N LEU B 166 -1.23 -15.77 5.32
CA LEU B 166 -0.27 -14.94 4.57
C LEU B 166 0.91 -14.85 5.51
N ALA B 167 2.04 -15.44 5.08
CA ALA B 167 3.30 -15.50 5.83
C ALA B 167 4.27 -14.56 5.11
N LEU B 168 4.46 -13.37 5.65
CA LEU B 168 5.29 -12.37 4.99
C LEU B 168 6.72 -12.40 5.54
N ASP B 169 7.64 -12.81 4.66
CA ASP B 169 9.06 -12.97 4.97
C ASP B 169 9.24 -13.59 6.34
N THR B 170 8.77 -14.83 6.44
CA THR B 170 8.81 -15.66 7.64
C THR B 170 10.24 -15.92 8.11
N SER B 171 10.46 -15.86 9.41
CA SER B 171 11.79 -16.06 10.02
C SER B 171 12.10 -17.53 10.23
N LEU B 172 12.14 -18.29 9.14
CA LEU B 172 12.36 -19.74 9.14
C LEU B 172 13.76 -20.17 9.66
N TRP B 173 14.66 -19.20 9.73
CA TRP B 173 16.02 -19.38 10.24
C TRP B 173 15.96 -19.67 11.75
N PHE B 174 14.88 -19.27 12.40
CA PHE B 174 14.74 -19.48 13.83
C PHE B 174 14.70 -20.96 14.20
N ASP B 175 15.61 -21.34 15.12
CA ASP B 175 15.77 -22.72 15.54
C ASP B 175 15.92 -23.64 14.31
N SER B 176 16.65 -23.17 13.31
CA SER B 176 16.97 -23.97 12.15
C SER B 176 18.27 -24.75 12.41
N PRO B 177 18.34 -25.99 11.91
CA PRO B 177 17.34 -26.72 11.07
C PRO B 177 16.14 -27.38 11.77
N HIS B 178 16.14 -27.43 13.09
CA HIS B 178 15.11 -28.17 13.81
C HIS B 178 13.67 -27.84 13.45
N TYR B 179 13.30 -26.58 13.58
CA TYR B 179 11.92 -26.21 13.28
C TYR B 179 11.56 -26.42 11.79
N LEU B 180 12.44 -25.99 10.90
CA LEU B 180 12.22 -26.12 9.47
C LEU B 180 11.98 -27.57 9.08
N THR B 181 12.70 -28.48 9.73
CA THR B 181 12.55 -29.92 9.51
C THR B 181 11.14 -30.40 9.88
N LEU B 182 10.63 -29.97 11.01
CA LEU B 182 9.26 -30.28 11.41
C LEU B 182 8.28 -29.74 10.35
N LEU B 183 8.51 -28.52 9.87
CA LEU B 183 7.66 -27.94 8.83
C LEU B 183 7.62 -28.76 7.58
N GLU B 184 8.80 -29.10 7.08
CA GLU B 184 8.94 -29.93 5.90
C GLU B 184 8.21 -31.25 6.07
N GLU B 185 8.34 -31.88 7.23
CA GLU B 185 7.68 -33.16 7.47
C GLU B 185 6.15 -33.01 7.42
N ARG B 186 5.61 -31.86 7.81
CA ARG B 186 4.15 -31.67 7.71
C ARG B 186 3.77 -31.56 6.25
N VAL B 187 4.56 -30.82 5.49
CA VAL B 187 4.36 -30.69 4.06
C VAL B 187 4.35 -32.02 3.33
N VAL B 188 5.34 -32.87 3.64
CA VAL B 188 5.42 -34.19 3.04
C VAL B 188 4.19 -35.04 3.39
N LYS B 189 3.79 -35.02 4.64
CA LYS B 189 2.58 -35.72 5.08
C LYS B 189 1.39 -35.18 4.27
N GLY B 190 1.34 -33.87 4.04
CA GLY B 190 0.28 -33.28 3.19
C GLY B 190 -1.15 -33.52 3.64
N ASP B 191 -2.07 -33.65 2.69
CA ASP B 191 -3.50 -33.82 3.00
C ASP B 191 -4.07 -32.79 3.99
N PHE B 192 -3.96 -31.54 3.57
CA PHE B 192 -4.49 -30.44 4.30
C PHE B 192 -6.02 -30.32 4.09
N LYS B 193 -6.65 -29.74 5.09
CA LYS B 193 -8.09 -29.58 5.20
C LYS B 193 -8.53 -28.27 4.49
N GLN B 194 -8.34 -28.25 3.17
CA GLN B 194 -8.68 -27.11 2.32
C GLN B 194 -8.22 -25.77 2.89
N LYS B 195 -6.91 -25.64 2.88
CA LYS B 195 -6.22 -24.49 3.42
C LYS B 195 -5.57 -23.75 2.31
N GLN B 196 -5.16 -22.50 2.57
CA GLN B 196 -4.42 -21.72 1.58
C GLN B 196 -3.20 -21.08 2.24
N LEU B 197 -2.07 -21.03 1.52
CA LEU B 197 -0.83 -20.38 2.01
C LEU B 197 -0.28 -19.43 0.97
N PHE B 198 0.09 -18.24 1.41
CA PHE B 198 0.76 -17.27 0.54
C PHE B 198 2.03 -16.88 1.26
N MSE B 199 3.16 -16.95 0.58
CA MSE B 199 4.43 -16.50 1.13
C MSE B 199 4.98 -15.36 0.27
O MSE B 199 5.04 -15.45 -0.95
CB MSE B 199 5.46 -17.62 1.13
CG MSE B 199 5.18 -18.75 2.10
SE MSE B 199 6.41 -20.19 1.76
CE MSE B 199 8.11 -19.33 2.48
N ALA B 200 5.36 -14.28 0.94
CA ALA B 200 6.06 -13.18 0.33
C ALA B 200 7.49 -13.44 0.81
N ILE B 201 8.43 -13.33 -0.12
CA ILE B 201 9.85 -13.54 0.12
C ILE B 201 10.55 -12.24 -0.33
N ALA B 202 11.31 -11.63 0.57
CA ALA B 202 12.03 -10.39 0.29
C ALA B 202 13.53 -10.65 0.05
N ASN B 203 14.27 -9.60 -0.32
CA ASN B 203 15.69 -9.72 -0.61
C ASN B 203 16.52 -9.00 0.45
N ASN B 204 16.31 -9.34 1.71
CA ASN B 204 17.04 -8.71 2.78
C ASN B 204 18.52 -9.12 2.68
N PRO B 205 19.45 -8.15 2.77
CA PRO B 205 20.89 -8.48 2.66
C PRO B 205 21.50 -9.09 3.92
N LEU B 206 20.78 -8.97 5.04
CA LEU B 206 21.21 -9.51 6.32
C LEU B 206 20.36 -10.69 6.75
N SER B 207 20.93 -11.51 7.63
CA SER B 207 20.27 -12.64 8.25
C SER B 207 20.73 -12.69 9.71
N PRO B 208 19.80 -12.62 10.70
CA PRO B 208 20.17 -12.68 12.12
C PRO B 208 21.18 -13.77 12.49
N GLY B 209 22.25 -13.35 13.17
CA GLY B 209 23.30 -14.26 13.59
C GLY B 209 24.47 -14.26 12.60
N PHE B 210 24.17 -13.96 11.33
CA PHE B 210 25.19 -14.01 10.26
C PHE B 210 25.65 -12.69 9.67
N GLY B 211 24.95 -11.60 9.97
CA GLY B 211 25.30 -10.29 9.39
C GLY B 211 24.94 -10.34 7.92
N VAL B 212 25.83 -9.84 7.07
CA VAL B 212 25.60 -9.82 5.63
C VAL B 212 25.56 -11.27 5.13
N SER B 213 24.34 -11.76 4.90
CA SER B 213 24.15 -13.10 4.38
C SER B 213 22.74 -13.28 3.85
N SER B 214 22.57 -14.24 2.94
CA SER B 214 21.29 -14.52 2.32
C SER B 214 20.61 -15.80 2.91
N TYR B 215 21.15 -16.30 4.01
CA TYR B 215 20.65 -17.50 4.65
C TYR B 215 19.13 -17.46 4.91
N HIS B 216 18.65 -16.37 5.50
CA HIS B 216 17.21 -16.15 5.77
C HIS B 216 16.37 -16.23 4.49
N LYS B 217 16.80 -15.52 3.46
CA LYS B 217 16.15 -15.52 2.15
C LYS B 217 16.14 -16.91 1.50
N ASP B 218 17.31 -17.55 1.48
CA ASP B 218 17.50 -18.89 0.88
C ASP B 218 16.62 -19.95 1.51
N LEU B 219 16.44 -19.87 2.83
CA LEU B 219 15.51 -20.75 3.52
C LEU B 219 14.09 -20.62 2.97
N ASN B 220 13.64 -19.40 2.79
CA ASN B 220 12.30 -19.12 2.27
C ASN B 220 12.10 -19.59 0.84
N LEU B 221 13.08 -19.29 0.00
CA LEU B 221 13.04 -19.70 -1.40
C LEU B 221 13.09 -21.24 -1.56
N ALA B 222 13.92 -21.89 -0.76
CA ALA B 222 14.04 -23.35 -0.80
C ALA B 222 12.74 -23.98 -0.31
N PHE B 223 12.15 -23.38 0.71
CA PHE B 223 10.93 -23.95 1.28
C PHE B 223 9.79 -23.80 0.29
N ALA B 224 9.65 -22.59 -0.27
CA ALA B 224 8.60 -22.32 -1.29
C ALA B 224 8.76 -23.29 -2.51
N ASP B 225 10.01 -23.52 -2.92
CA ASP B 225 10.30 -24.43 -4.03
C ASP B 225 9.84 -25.86 -3.68
N LYS B 226 10.19 -26.31 -2.48
CA LYS B 226 9.76 -27.64 -2.03
C LYS B 226 8.22 -27.73 -1.98
N LEU B 227 7.53 -26.70 -1.46
CA LEU B 227 6.06 -26.76 -1.44
C LEU B 227 5.47 -26.93 -2.83
N THR B 228 5.95 -26.11 -3.75
CA THR B 228 5.54 -26.20 -5.13
C THR B 228 5.85 -27.54 -5.74
N LYS B 229 7.05 -28.06 -5.51
CA LYS B 229 7.46 -29.31 -6.13
C LYS B 229 6.65 -30.49 -5.57
N LEU B 230 6.36 -30.46 -4.27
CA LEU B 230 5.59 -31.52 -3.59
C LEU B 230 4.07 -31.38 -3.76
N ALA B 231 3.59 -30.15 -4.04
CA ALA B 231 2.18 -29.88 -4.24
C ALA B 231 1.26 -30.73 -3.32
N PRO B 232 1.37 -30.53 -1.97
CA PRO B 232 0.50 -31.34 -1.11
C PRO B 232 -0.97 -31.15 -1.45
N LYS B 233 -1.72 -32.22 -1.29
CA LYS B 233 -3.15 -32.24 -1.54
C LYS B 233 -3.82 -31.30 -0.50
N GLY B 234 -4.88 -30.61 -0.93
CA GLY B 234 -5.65 -29.74 -0.03
C GLY B 234 -5.09 -28.40 0.37
N LEU B 235 -3.94 -28.02 -0.17
CA LEU B 235 -3.33 -26.73 0.15
C LEU B 235 -3.17 -25.88 -1.10
N GLY B 236 -3.85 -24.74 -1.13
CA GLY B 236 -3.64 -23.77 -2.23
C GLY B 236 -2.42 -22.99 -1.81
N PHE B 237 -1.37 -23.01 -2.63
CA PHE B 237 -0.15 -22.32 -2.31
C PHE B 237 0.33 -21.36 -3.38
N MSE B 238 0.78 -20.18 -2.94
CA MSE B 238 1.40 -19.30 -3.88
C MSE B 238 2.53 -18.49 -3.19
O MSE B 238 2.43 -18.14 -2.04
CB MSE B 238 0.35 -18.43 -4.58
CG MSE B 238 0.38 -17.04 -4.17
SE MSE B 238 0.51 -16.04 -5.80
CE MSE B 238 1.74 -17.25 -6.85
N ALA B 239 3.62 -18.25 -3.91
CA ALA B 239 4.72 -17.47 -3.37
C ALA B 239 5.16 -16.41 -4.36
N LYS B 240 5.62 -15.28 -3.81
CA LYS B 240 6.16 -14.20 -4.62
C LYS B 240 7.47 -13.70 -4.00
N TYR B 241 8.49 -13.61 -4.84
CA TYR B 241 9.79 -13.08 -4.49
C TYR B 241 9.85 -11.59 -4.90
N TYR B 242 10.31 -10.75 -3.99
CA TYR B 242 10.43 -9.30 -4.21
C TYR B 242 11.88 -8.89 -4.12
N PRO B 243 12.60 -8.81 -5.26
CA PRO B 243 14.03 -8.48 -5.13
C PRO B 243 14.34 -7.04 -4.64
N GLU B 244 13.37 -6.12 -4.74
CA GLU B 244 13.57 -4.72 -4.37
C GLU B 244 12.95 -4.39 -3.03
N GLU B 245 12.65 -5.40 -2.23
CA GLU B 245 12.08 -5.18 -0.92
C GLU B 245 13.05 -5.73 0.13
N THR B 246 12.93 -5.22 1.35
CA THR B 246 13.73 -5.68 2.46
C THR B 246 12.83 -6.48 3.41
N HIS B 247 13.44 -7.05 4.45
CA HIS B 247 12.72 -7.80 5.44
C HIS B 247 11.55 -7.02 5.96
N GLN B 248 11.81 -5.78 6.35
CA GLN B 248 10.74 -4.98 6.96
C GLN B 248 9.77 -4.36 5.93
N SER B 249 10.29 -3.85 4.83
CA SER B 249 9.43 -3.21 3.83
C SER B 249 8.47 -4.15 3.11
N VAL B 250 8.68 -5.45 3.18
CA VAL B 250 7.81 -6.35 2.42
C VAL B 250 6.43 -6.62 3.02
N SER B 251 6.23 -6.28 4.30
CA SER B 251 4.95 -6.48 4.97
C SER B 251 3.75 -5.79 4.25
N HIS B 252 3.98 -4.60 3.70
CA HIS B 252 2.94 -3.86 2.98
C HIS B 252 2.66 -4.46 1.58
N ILE B 253 3.64 -4.49 0.68
CA ILE B 253 3.41 -5.06 -0.64
C ILE B 253 3.04 -6.55 -0.54
N GLY B 254 3.63 -7.29 0.41
CA GLY B 254 3.31 -8.71 0.58
C GLY B 254 1.84 -8.91 0.91
N LEU B 255 1.34 -8.08 1.83
CA LEU B 255 -0.07 -8.13 2.15
C LEU B 255 -0.89 -7.75 0.90
N TYR B 256 -0.43 -6.72 0.19
CA TYR B 256 -1.17 -6.21 -1.00
C TYR B 256 -1.50 -7.33 -1.99
N ASP B 257 -0.42 -7.97 -2.44
CA ASP B 257 -0.48 -9.03 -3.40
C ASP B 257 -1.13 -10.31 -2.84
N GLY B 258 -0.85 -10.64 -1.58
CA GLY B 258 -1.41 -11.84 -0.96
C GLY B 258 -2.92 -11.76 -0.77
N ILE B 259 -3.42 -10.59 -0.35
CA ILE B 259 -4.84 -10.45 -0.07
C ILE B 259 -5.60 -10.31 -1.37
N ARG B 260 -5.02 -9.61 -2.35
CA ARG B 260 -5.64 -9.49 -3.66
C ARG B 260 -5.72 -10.88 -4.36
N HIS B 261 -4.66 -11.67 -4.22
CA HIS B 261 -4.63 -13.01 -4.76
C HIS B 261 -5.72 -13.87 -4.08
N LEU B 262 -5.70 -13.88 -2.75
CA LEU B 262 -6.66 -14.69 -1.98
C LEU B 262 -8.09 -14.47 -2.48
N PHE B 263 -8.51 -13.21 -2.59
CA PHE B 263 -9.87 -12.89 -2.98
C PHE B 263 -10.07 -12.50 -4.44
N LYS B 264 -9.16 -12.89 -5.35
CA LYS B 264 -9.30 -12.45 -6.74
C LYS B 264 -10.50 -13.02 -7.48
N ASP B 265 -10.91 -14.22 -7.12
CA ASP B 265 -12.01 -14.92 -7.79
C ASP B 265 -13.40 -14.59 -7.22
N PHE B 266 -13.45 -13.71 -6.23
CA PHE B 266 -14.72 -13.31 -5.59
C PHE B 266 -15.41 -12.22 -6.43
N ALA B 267 -14.62 -11.59 -7.28
CA ALA B 267 -15.12 -10.54 -8.14
C ALA B 267 -16.17 -11.08 -9.12
N ILE B 268 -17.19 -10.25 -9.36
CA ILE B 268 -18.27 -10.53 -10.33
C ILE B 268 -18.16 -9.43 -11.39
N ASP B 269 -17.72 -9.81 -12.58
CA ASP B 269 -17.61 -8.89 -13.70
C ASP B 269 -18.94 -8.79 -14.46
N ILE B 270 -19.66 -7.69 -14.25
CA ILE B 270 -20.91 -7.45 -14.96
C ILE B 270 -20.80 -7.38 -16.50
N TYR B 271 -19.62 -7.59 -17.09
CA TYR B 271 -19.43 -7.58 -18.56
C TYR B 271 -18.82 -8.92 -19.05
N PHE B 275 -21.23 -13.63 -18.58
CA PHE B 275 -21.91 -13.38 -17.30
C PHE B 275 -23.33 -13.93 -17.31
N SER B 276 -23.69 -14.60 -16.22
CA SER B 276 -25.04 -15.10 -16.04
C SER B 276 -25.23 -15.41 -14.59
N LYS B 277 -26.46 -15.73 -14.20
CA LYS B 277 -26.72 -16.08 -12.82
C LYS B 277 -25.95 -17.34 -12.47
N GLN B 278 -26.14 -18.39 -13.25
CA GLN B 278 -25.50 -19.67 -12.98
C GLN B 278 -23.96 -19.59 -12.90
N GLN B 279 -23.34 -18.76 -13.74
CA GLN B 279 -21.86 -18.57 -13.64
C GLN B 279 -21.38 -18.12 -12.26
N VAL B 280 -22.18 -17.24 -11.65
CA VAL B 280 -21.90 -16.71 -10.32
C VAL B 280 -22.08 -17.79 -9.25
N ILE B 281 -23.19 -18.53 -9.32
CA ILE B 281 -23.45 -19.64 -8.38
C ILE B 281 -22.31 -20.64 -8.43
N ASP B 282 -21.95 -21.07 -9.65
CA ASP B 282 -20.85 -22.03 -9.84
C ASP B 282 -19.52 -21.47 -9.33
N GLN B 283 -19.24 -20.20 -9.59
N GLN B 283 -19.29 -20.18 -9.60
CA GLN B 283 -18.00 -19.57 -9.09
CA GLN B 283 -18.10 -19.43 -9.14
C GLN B 283 -17.91 -19.59 -7.57
C GLN B 283 -17.92 -19.51 -7.62
N TYR B 284 -19.01 -19.30 -6.88
CA TYR B 284 -19.00 -19.33 -5.40
C TYR B 284 -18.97 -20.75 -4.84
N GLY B 285 -19.44 -21.72 -5.64
CA GLY B 285 -19.31 -23.14 -5.31
C GLY B 285 -17.83 -23.55 -5.30
N VAL B 286 -17.08 -23.08 -6.29
CA VAL B 286 -15.66 -23.36 -6.36
C VAL B 286 -14.96 -22.71 -5.15
N LEU B 287 -15.35 -21.48 -4.82
CA LEU B 287 -14.76 -20.76 -3.67
C LEU B 287 -15.09 -21.49 -2.36
N SER B 288 -16.31 -21.98 -2.23
CA SER B 288 -16.72 -22.73 -1.03
C SER B 288 -15.88 -23.98 -0.81
N GLU B 289 -15.56 -24.69 -1.90
CA GLU B 289 -14.78 -25.93 -1.80
C GLU B 289 -13.30 -25.63 -1.51
N ARG B 290 -12.85 -24.47 -1.99
CA ARG B 290 -11.47 -24.04 -1.80
C ARG B 290 -11.19 -23.59 -0.37
N PHE B 291 -12.16 -22.88 0.20
CA PHE B 291 -12.04 -22.40 1.57
C PHE B 291 -12.45 -23.47 2.58
N GLY B 292 -13.15 -24.50 2.11
CA GLY B 292 -13.65 -25.57 2.99
C GLY B 292 -14.83 -25.13 3.85
N HIS B 293 -15.45 -24.00 3.46
CA HIS B 293 -16.56 -23.34 4.17
CA HIS B 293 -16.59 -23.43 4.16
C HIS B 293 -17.45 -22.69 3.13
N LYS B 294 -18.75 -22.65 3.38
CA LYS B 294 -19.68 -21.96 2.48
C LYS B 294 -19.16 -20.56 2.23
N VAL B 295 -19.23 -20.12 0.98
CA VAL B 295 -18.85 -18.76 0.61
C VAL B 295 -19.95 -18.27 -0.32
N THR B 296 -20.57 -17.15 0.04
CA THR B 296 -21.65 -16.59 -0.77
C THR B 296 -21.29 -15.14 -1.05
N PRO B 297 -21.75 -14.61 -2.20
CA PRO B 297 -21.40 -13.23 -2.50
C PRO B 297 -21.95 -12.29 -1.46
N SER B 298 -21.12 -11.37 -1.04
CA SER B 298 -21.44 -10.29 -0.12
C SER B 298 -22.77 -9.64 -0.49
N GLN B 299 -23.66 -9.47 0.47
CA GLN B 299 -24.91 -8.78 0.17
C GLN B 299 -24.66 -7.30 -0.31
N GLN B 300 -23.71 -6.58 0.28
CA GLN B 300 -23.46 -5.17 -0.13
C GLN B 300 -23.07 -5.08 -1.59
N TYR B 301 -22.09 -5.92 -1.93
CA TYR B 301 -21.50 -6.01 -3.25
C TYR B 301 -22.58 -6.21 -4.29
N LEU B 302 -23.45 -7.19 -4.07
CA LEU B 302 -24.60 -7.43 -4.99
C LEU B 302 -25.56 -6.24 -5.10
N GLU B 303 -25.70 -5.45 -4.03
CA GLU B 303 -26.56 -4.25 -4.06
C GLU B 303 -25.98 -3.13 -4.91
N GLN B 304 -24.66 -2.98 -4.87
CA GLN B 304 -23.97 -2.04 -5.71
C GLN B 304 -24.14 -2.44 -7.17
N LEU B 305 -23.75 -3.68 -7.48
CA LEU B 305 -23.89 -4.19 -8.84
C LEU B 305 -25.32 -3.89 -9.37
N ILE B 306 -26.33 -4.16 -8.55
CA ILE B 306 -27.74 -3.89 -8.90
C ILE B 306 -28.03 -2.40 -9.08
N GLN B 307 -27.26 -1.56 -8.39
CA GLN B 307 -27.39 -0.10 -8.49
C GLN B 307 -26.67 0.39 -9.74
N TYR B 308 -25.47 -0.15 -10.00
CA TYR B 308 -24.75 0.16 -11.21
C TYR B 308 -25.57 -0.31 -12.42
N SER B 309 -26.35 -1.37 -12.24
CA SER B 309 -27.22 -1.86 -13.32
C SER B 309 -28.49 -1.03 -13.38
N ASP B 310 -29.19 -0.96 -12.23
CA ASP B 310 -30.42 -0.19 -12.10
C ASP B 310 -30.23 1.24 -12.58
N ARG B 311 -29.23 1.92 -12.02
CA ARG B 311 -28.96 3.31 -12.40
C ARG B 311 -28.56 3.46 -13.88
N GLN B 312 -27.88 2.44 -14.44
CA GLN B 312 -27.42 2.48 -15.84
C GLN B 312 -28.28 1.69 -16.82
N GLN B 313 -29.53 1.38 -16.44
CA GLN B 313 -30.48 0.64 -17.28
C GLN B 313 -29.87 -0.64 -17.92
N LEU B 314 -28.77 -1.13 -17.34
CA LEU B 314 -28.05 -2.29 -17.86
C LEU B 314 -28.81 -3.60 -17.85
N THR B 315 -29.34 -3.89 -19.03
CA THR B 315 -29.86 -5.21 -19.41
C THR B 315 -30.66 -6.05 -18.42
N GLU B 316 -30.82 -7.32 -18.79
CA GLU B 316 -31.40 -8.33 -17.94
C GLU B 316 -30.46 -8.50 -16.76
N ARG B 317 -29.21 -8.05 -16.93
CA ARG B 317 -28.16 -8.07 -15.89
C ARG B 317 -28.67 -7.60 -14.53
N LYS B 318 -29.38 -6.46 -14.53
CA LYS B 318 -30.01 -5.93 -13.34
C LYS B 318 -30.86 -7.04 -12.71
N GLN B 319 -31.71 -7.67 -13.54
CA GLN B 319 -32.58 -8.78 -13.10
C GLN B 319 -31.81 -10.07 -12.74
N MSE B 320 -30.68 -10.33 -13.41
CA MSE B 320 -29.88 -11.53 -13.09
C MSE B 320 -29.31 -11.35 -11.68
O MSE B 320 -29.30 -12.29 -10.89
CB MSE B 320 -28.73 -11.71 -14.08
CG MSE B 320 -29.13 -11.69 -15.55
SE MSE B 320 -27.68 -12.36 -16.70
CE MSE B 320 -28.10 -14.33 -16.42
N LEU B 321 -28.82 -10.14 -11.43
CA LEU B 321 -28.32 -9.73 -10.13
C LEU B 321 -29.40 -9.79 -9.02
N GLU B 322 -30.65 -9.43 -9.34
CA GLU B 322 -31.77 -9.55 -8.37
C GLU B 322 -32.03 -11.00 -7.97
N GLY B 323 -32.20 -11.87 -8.95
CA GLY B 323 -32.44 -13.27 -8.63
C GLY B 323 -31.29 -13.86 -7.85
N LEU B 324 -30.09 -13.51 -8.27
CA LEU B 324 -28.85 -13.95 -7.66
C LEU B 324 -28.82 -13.47 -6.21
N ARG B 325 -29.33 -12.26 -5.95
CA ARG B 325 -29.43 -11.74 -4.60
C ARG B 325 -30.46 -12.60 -3.88
N GLN B 326 -31.58 -12.86 -4.54
CA GLN B 326 -32.65 -13.70 -3.98
C GLN B 326 -32.18 -15.13 -3.73
N HIS B 327 -31.32 -15.65 -4.62
CA HIS B 327 -30.77 -17.01 -4.46
C HIS B 327 -30.06 -17.17 -3.13
N PHE B 328 -29.09 -16.29 -2.88
CA PHE B 328 -28.30 -16.34 -1.67
C PHE B 328 -28.95 -15.69 -0.43
N ALA B 329 -30.22 -15.29 -0.56
CA ALA B 329 -30.95 -14.69 0.58
C ALA B 329 -31.40 -15.79 1.53
CL CL C . 9.62 23.91 -17.43
N1 IMD D . -12.61 10.23 -13.99
C2 IMD D . -12.40 9.03 -14.59
N3 IMD D . -13.35 8.15 -14.15
C4 IMD D . -14.14 8.80 -13.26
C5 IMD D . -13.68 10.13 -13.17
CL CL E . -5.28 -29.18 7.90
N1 IMD F . 15.57 -10.13 10.08
C2 IMD F . 15.48 -11.03 9.06
N3 IMD F . 14.67 -12.05 9.47
C4 IMD F . 14.24 -11.81 10.73
C5 IMD F . 14.83 -10.59 11.12
#